data_3F12
#
_entry.id   3F12
#
_cell.length_a   87.860
_cell.length_b   87.860
_cell.length_c   241.850
_cell.angle_alpha   90.00
_cell.angle_beta   90.00
_cell.angle_gamma   120.00
#
_symmetry.space_group_name_H-M   'P 32 2 1'
#
loop_
_entity.id
_entity.type
_entity.pdbx_description
1 polymer 'M2J1 Fab'
2 polymer '8f9 Fab'
#
loop_
_entity_poly.entity_id
_entity_poly.type
_entity_poly.pdbx_seq_one_letter_code
_entity_poly.pdbx_strand_id
1 'polypeptide(L)'
;MEIVLTQSPATLSLSPGERATLSCRASQSVSSYLAWYQQKPGQAPRLLIYDASNRATGIPARFSGSGSGTDFTLTISSLE
PEDFAVYYCQQRSNWPPWTFGQGTKVEIKRTVAAPSVFIFPPSDEQLKSGTASVVCLLNNFYPREAKVQWKVDNALQSGN
SQESVTEQDSKDSTYSLSSTLTLSKADYEKHKVYACEVTHQGLSSPVTKSFNRGEC
;
A,C
2 'polypeptide(L)'
;QVQLVESGGGVVQPGRSLRLSCAASGFTFSSYGMHWVRQAPGKGLEWVAVISYDGSNKYYADSVKGRFTISRDNSKNTLY
LQMNSLRAEDTAVYYCAKDGKCAGGSCYSGLLDYWGQGTLVTVSSASFKGPSVFPLAPSSKSTSGGTAALGCLVKDYFPE
PVTVSWNSGALTSGVHTFPAVLQSSGLYSLSSVVTVPSSSLGTQTYICNVNHKPSNTKVDKKVEPKSCDKTHTGLEHHHH
HH
;
B,D
#
# COMPACT_ATOMS: atom_id res chain seq x y z
N GLU A 2 -26.16 -26.96 8.36
CA GLU A 2 -26.49 -25.54 8.70
C GLU A 2 -28.00 -25.28 8.70
N ILE A 3 -28.37 -24.05 9.00
CA ILE A 3 -29.78 -23.64 9.05
C ILE A 3 -29.90 -22.29 8.32
N VAL A 4 -30.72 -22.25 7.26
CA VAL A 4 -30.87 -21.03 6.43
C VAL A 4 -31.69 -19.87 6.98
N LEU A 5 -31.05 -18.71 7.09
CA LEU A 5 -31.69 -17.50 7.56
C LEU A 5 -31.95 -16.63 6.34
N THR A 6 -33.22 -16.33 6.10
CA THR A 6 -33.63 -15.53 4.95
C THR A 6 -34.22 -14.17 5.31
N GLN A 7 -33.48 -13.11 5.02
CA GLN A 7 -33.97 -11.76 5.30
C GLN A 7 -34.67 -11.13 4.08
N SER A 8 -35.42 -10.08 4.36
CA SER A 8 -36.16 -9.33 3.38
C SER A 8 -36.88 -8.23 4.16
N PRO A 9 -37.15 -7.05 3.55
CA PRO A 9 -36.87 -6.64 2.17
C PRO A 9 -35.38 -6.72 1.88
N ALA A 10 -35.05 -6.79 0.61
CA ALA A 10 -33.66 -6.84 0.21
C ALA A 10 -33.04 -5.50 0.55
N THR A 11 -33.90 -4.48 0.63
CA THR A 11 -33.44 -3.13 0.94
C THR A 11 -34.61 -2.23 1.35
N LEU A 12 -34.39 -1.38 2.36
CA LEU A 12 -35.41 -0.44 2.85
C LEU A 12 -35.01 0.94 2.38
N SER A 13 -35.96 1.71 1.85
CA SER A 13 -35.63 3.04 1.34
C SER A 13 -36.47 4.08 2.06
N LEU A 14 -36.01 4.47 3.24
CA LEU A 14 -36.72 5.44 4.05
C LEU A 14 -35.96 6.71 4.39
N SER A 15 -36.70 7.79 4.62
CA SER A 15 -36.07 9.03 5.01
C SER A 15 -36.21 9.08 6.53
N PRO A 16 -35.25 9.73 7.21
CA PRO A 16 -35.29 9.85 8.66
C PRO A 16 -36.68 10.07 9.22
N GLY A 17 -36.90 9.73 10.47
CA GLY A 17 -38.21 9.91 11.08
C GLY A 17 -39.19 8.79 10.86
N GLU A 18 -39.19 8.22 9.65
CA GLU A 18 -40.11 7.13 9.35
C GLU A 18 -39.86 5.89 10.21
N ARG A 19 -40.76 4.91 10.12
CA ARG A 19 -40.60 3.67 10.88
C ARG A 19 -40.19 2.56 9.92
N ALA A 20 -39.11 1.85 10.24
CA ALA A 20 -38.64 0.75 9.40
C ALA A 20 -38.80 -0.60 10.08
N THR A 21 -39.38 -1.55 9.35
CA THR A 21 -39.60 -2.91 9.85
C THR A 21 -38.82 -3.91 9.03
N LEU A 22 -37.99 -4.69 9.71
CA LEU A 22 -37.18 -5.71 9.05
C LEU A 22 -37.72 -7.08 9.39
N SER A 23 -37.44 -8.06 8.55
CA SER A 23 -37.93 -9.40 8.81
C SER A 23 -36.81 -10.44 8.62
N CYS A 24 -36.81 -11.45 9.49
CA CYS A 24 -35.83 -12.56 9.45
C CYS A 24 -36.62 -13.82 9.70
N ARG A 25 -36.72 -14.62 8.65
CA ARG A 25 -37.44 -15.88 8.63
C ARG A 25 -36.45 -17.05 8.58
N ALA A 26 -36.84 -18.18 9.17
CA ALA A 26 -35.98 -19.38 9.22
C ALA A 26 -36.61 -20.66 8.64
N SER A 27 -35.80 -21.71 8.51
CA SER A 27 -36.28 -22.99 7.97
C SER A 27 -36.82 -23.90 9.07
N GLN A 28 -36.41 -23.60 10.30
CA GLN A 28 -36.84 -24.37 11.44
C GLN A 28 -37.08 -23.38 12.54
N SER A 29 -37.55 -23.88 13.67
CA SER A 29 -37.77 -23.04 14.82
C SER A 29 -36.34 -22.78 15.28
N VAL A 30 -36.09 -21.60 15.84
CA VAL A 30 -34.77 -21.24 16.34
C VAL A 30 -35.07 -20.61 17.70
N SER A 31 -36.32 -20.81 18.11
CA SER A 31 -36.82 -20.32 19.38
C SER A 31 -36.81 -18.80 19.41
N SER A 32 -36.27 -18.25 20.50
CA SER A 32 -36.13 -16.83 20.69
C SER A 32 -34.63 -16.61 20.77
N TYR A 33 -33.90 -17.32 19.92
CA TYR A 33 -32.44 -17.25 19.91
C TYR A 33 -31.86 -16.40 18.78
N LEU A 34 -32.69 -15.55 18.18
CA LEU A 34 -32.21 -14.72 17.08
C LEU A 34 -31.63 -13.40 17.56
N ALA A 35 -30.46 -13.06 17.05
CA ALA A 35 -29.81 -11.81 17.41
C ALA A 35 -29.81 -10.90 16.20
N TRP A 36 -29.67 -9.60 16.45
CA TRP A 36 -29.64 -8.65 15.37
C TRP A 36 -28.32 -7.91 15.35
N TYR A 37 -27.89 -7.54 14.15
CA TYR A 37 -26.63 -6.84 13.98
C TYR A 37 -26.71 -5.65 13.07
N GLN A 38 -26.21 -4.53 13.56
CA GLN A 38 -26.18 -3.29 12.79
C GLN A 38 -24.75 -3.15 12.32
N GLN A 39 -24.56 -2.91 11.03
CA GLN A 39 -23.20 -2.77 10.53
C GLN A 39 -22.97 -1.47 9.73
N LYS A 40 -22.82 -0.36 10.43
CA LYS A 40 -22.60 0.88 9.73
C LYS A 40 -21.44 0.75 8.71
N PRO A 41 -21.47 1.59 7.66
CA PRO A 41 -20.52 1.69 6.55
C PRO A 41 -19.06 1.86 6.95
N GLY A 42 -18.21 0.96 6.45
CA GLY A 42 -16.78 1.01 6.70
C GLY A 42 -16.40 0.66 8.11
N GLN A 43 -17.41 0.25 8.86
CA GLN A 43 -17.21 -0.12 10.25
C GLN A 43 -17.33 -1.64 10.42
N ALA A 44 -17.61 -2.07 11.64
CA ALA A 44 -17.72 -3.49 11.96
C ALA A 44 -19.03 -3.87 12.61
N PRO A 45 -19.52 -5.10 12.34
CA PRO A 45 -20.79 -5.55 12.92
C PRO A 45 -20.90 -5.20 14.41
N ARG A 46 -22.13 -4.93 14.87
CA ARG A 46 -22.39 -4.60 16.27
C ARG A 46 -23.70 -5.20 16.76
N LEU A 47 -23.71 -5.65 18.01
CA LEU A 47 -24.89 -6.27 18.62
C LEU A 47 -26.03 -5.29 18.94
N LEU A 48 -27.18 -5.48 18.29
CA LEU A 48 -28.34 -4.63 18.53
C LEU A 48 -29.24 -5.32 19.55
N ILE A 49 -30.16 -6.14 19.03
CA ILE A 49 -31.08 -6.90 19.87
C ILE A 49 -30.62 -8.34 19.95
N TYR A 50 -30.30 -8.78 21.16
CA TYR A 50 -29.86 -10.14 21.34
C TYR A 50 -30.94 -11.03 21.97
N ASP A 51 -31.24 -12.13 21.28
CA ASP A 51 -32.25 -13.10 21.67
C ASP A 51 -33.64 -12.82 21.12
N ALA A 52 -33.86 -11.60 20.65
CA ALA A 52 -35.14 -11.20 20.02
C ALA A 52 -35.99 -10.13 20.69
N SER A 53 -35.55 -9.56 21.81
CA SER A 53 -36.34 -8.50 22.47
C SER A 53 -35.35 -7.70 23.28
N ASN A 54 -34.25 -8.36 23.62
CA ASN A 54 -33.21 -7.75 24.41
C ASN A 54 -32.36 -6.75 23.64
N ARG A 55 -31.96 -5.69 24.33
CA ARG A 55 -31.13 -4.65 23.74
C ARG A 55 -29.79 -4.65 24.46
N ALA A 56 -28.71 -4.98 23.76
CA ALA A 56 -27.39 -5.02 24.37
C ALA A 56 -26.99 -3.64 24.84
N THR A 57 -26.07 -3.56 25.82
CA THR A 57 -25.63 -2.25 26.36
C THR A 57 -25.38 -1.16 25.33
N GLY A 58 -25.90 0.02 25.65
CA GLY A 58 -25.73 1.17 24.79
C GLY A 58 -26.80 1.37 23.74
N ILE A 59 -27.57 0.33 23.41
CA ILE A 59 -28.60 0.41 22.35
C ILE A 59 -29.87 1.15 22.76
N PRO A 60 -30.28 2.15 21.95
CA PRO A 60 -31.48 2.97 22.21
C PRO A 60 -32.76 2.13 22.13
N ALA A 61 -33.88 2.72 22.53
CA ALA A 61 -35.17 2.04 22.52
C ALA A 61 -35.90 2.03 21.17
N ARG A 62 -35.49 2.89 20.26
CA ARG A 62 -36.15 2.90 18.96
C ARG A 62 -36.05 1.49 18.41
N PHE A 63 -35.01 0.77 18.80
CA PHE A 63 -34.82 -0.62 18.37
C PHE A 63 -35.66 -1.54 19.22
N SER A 64 -36.58 -2.22 18.55
CA SER A 64 -37.49 -3.17 19.18
C SER A 64 -37.43 -4.49 18.42
N GLY A 65 -37.31 -5.59 19.15
CA GLY A 65 -37.27 -6.90 18.51
C GLY A 65 -38.41 -7.81 18.91
N SER A 66 -38.84 -8.67 18.01
CA SER A 66 -39.91 -9.58 18.34
C SER A 66 -39.89 -10.85 17.48
N GLY A 67 -40.71 -11.81 17.89
CA GLY A 67 -40.83 -13.08 17.19
C GLY A 67 -40.39 -14.26 18.01
N SER A 68 -40.80 -15.44 17.58
CA SER A 68 -40.47 -16.70 18.26
C SER A 68 -40.77 -17.83 17.31
N GLY A 69 -39.78 -18.69 17.12
CA GLY A 69 -39.95 -19.79 16.20
C GLY A 69 -39.15 -19.52 14.94
N THR A 70 -39.86 -19.41 13.82
CA THR A 70 -39.22 -19.15 12.54
C THR A 70 -39.24 -17.69 12.13
N ASP A 71 -40.40 -17.07 12.22
CA ASP A 71 -40.54 -15.66 11.86
C ASP A 71 -40.23 -14.62 12.93
N PHE A 72 -39.41 -13.65 12.54
CA PHE A 72 -39.00 -12.59 13.44
C PHE A 72 -39.20 -11.22 12.79
N THR A 73 -38.92 -10.18 13.56
CA THR A 73 -39.07 -8.81 13.11
C THR A 73 -38.30 -7.83 14.00
N LEU A 74 -37.46 -7.00 13.36
CA LEU A 74 -36.70 -5.97 14.06
C LEU A 74 -37.45 -4.70 13.73
N THR A 75 -37.68 -3.85 14.72
CA THR A 75 -38.43 -2.64 14.44
C THR A 75 -37.77 -1.36 14.96
N ILE A 76 -37.47 -0.46 14.03
CA ILE A 76 -36.86 0.82 14.29
C ILE A 76 -37.97 1.86 14.08
N SER A 77 -38.60 2.29 15.18
CA SER A 77 -39.74 3.22 15.15
C SER A 77 -39.52 4.68 14.68
N SER A 78 -38.43 5.32 15.10
CA SER A 78 -38.15 6.70 14.68
C SER A 78 -36.77 6.72 14.01
N LEU A 79 -36.72 6.46 12.70
CA LEU A 79 -35.44 6.41 12.01
C LEU A 79 -34.55 7.64 12.18
N GLU A 80 -33.31 7.38 12.54
CA GLU A 80 -32.32 8.42 12.74
C GLU A 80 -31.18 8.24 11.73
N PRO A 81 -30.60 9.36 11.28
CA PRO A 81 -29.50 9.29 10.31
C PRO A 81 -28.43 8.25 10.62
N GLU A 82 -28.27 7.90 11.89
CA GLU A 82 -27.27 6.90 12.24
C GLU A 82 -27.77 5.46 11.97
N ASP A 83 -29.06 5.25 12.21
CA ASP A 83 -29.73 3.96 12.06
C ASP A 83 -29.73 3.47 10.63
N PHE A 84 -29.18 4.28 9.74
CA PHE A 84 -29.11 3.87 8.34
C PHE A 84 -27.85 3.04 8.15
N ALA A 85 -27.99 1.73 8.29
CA ALA A 85 -26.86 0.81 8.14
C ALA A 85 -27.38 -0.49 7.54
N VAL A 86 -26.58 -1.53 7.60
CA VAL A 86 -27.00 -2.83 7.12
C VAL A 86 -27.28 -3.73 8.34
N TYR A 87 -28.52 -4.18 8.45
CA TYR A 87 -28.96 -5.06 9.55
C TYR A 87 -28.96 -6.56 9.24
N TYR A 88 -28.20 -7.27 10.06
CA TYR A 88 -28.04 -8.72 9.97
C TYR A 88 -28.75 -9.46 11.09
N CYS A 89 -29.22 -10.67 10.81
CA CYS A 89 -29.84 -11.50 11.83
C CYS A 89 -29.08 -12.82 11.89
N GLN A 90 -28.90 -13.32 13.10
CA GLN A 90 -28.16 -14.54 13.30
C GLN A 90 -28.86 -15.41 14.30
N GLN A 91 -28.88 -16.70 14.01
CA GLN A 91 -29.50 -17.68 14.88
C GLN A 91 -28.42 -18.41 15.69
N ARG A 92 -28.71 -18.68 16.95
CA ARG A 92 -27.75 -19.38 17.78
C ARG A 92 -28.48 -20.53 18.44
N SER A 93 -29.06 -21.37 17.61
CA SER A 93 -29.76 -22.54 18.11
C SER A 93 -28.96 -23.77 17.68
N ASN A 94 -28.95 -24.06 16.39
CA ASN A 94 -28.19 -25.19 15.91
C ASN A 94 -26.74 -24.77 15.68
N TRP A 95 -26.00 -24.66 16.79
CA TRP A 95 -24.57 -24.30 16.80
C TRP A 95 -23.66 -25.55 16.89
N PRO A 96 -22.74 -25.72 15.94
CA PRO A 96 -22.37 -24.96 14.74
C PRO A 96 -23.00 -25.62 13.51
N PRO A 97 -22.96 -24.93 12.37
CA PRO A 97 -22.41 -23.58 12.18
C PRO A 97 -23.42 -22.47 12.49
N TRP A 98 -22.96 -21.38 13.12
CA TRP A 98 -23.90 -20.30 13.36
C TRP A 98 -24.07 -19.62 11.99
N THR A 99 -25.29 -19.67 11.45
CA THR A 99 -25.56 -19.09 10.14
C THR A 99 -26.13 -17.69 10.30
N PHE A 100 -25.88 -16.85 9.29
CA PHE A 100 -26.31 -15.45 9.27
C PHE A 100 -27.33 -15.19 8.16
N GLY A 101 -28.06 -14.09 8.28
CA GLY A 101 -29.05 -13.72 7.27
C GLY A 101 -28.26 -13.00 6.21
N GLN A 102 -28.73 -12.99 4.96
CA GLN A 102 -27.98 -12.33 3.90
C GLN A 102 -28.13 -10.81 3.85
N GLY A 103 -28.57 -10.23 4.97
CA GLY A 103 -28.72 -8.78 5.08
C GLY A 103 -29.93 -8.01 4.56
N THR A 104 -30.05 -6.79 5.09
CA THR A 104 -31.08 -5.81 4.73
C THR A 104 -30.44 -4.43 4.92
N LYS A 105 -30.48 -3.61 3.88
CA LYS A 105 -29.88 -2.29 3.97
C LYS A 105 -30.92 -1.21 4.11
N VAL A 106 -30.88 -0.45 5.20
CA VAL A 106 -31.82 0.65 5.38
C VAL A 106 -31.19 1.88 4.70
N GLU A 107 -31.67 2.16 3.49
CA GLU A 107 -31.18 3.24 2.65
C GLU A 107 -31.95 4.55 2.80
N ILE A 108 -31.32 5.66 2.42
CA ILE A 108 -31.93 6.97 2.59
C ILE A 108 -32.71 7.69 1.49
N LYS A 109 -33.56 8.62 1.91
CA LYS A 109 -34.39 9.39 0.99
C LYS A 109 -34.93 8.50 -0.12
N THR A 111 -41.73 5.03 -9.06
CA THR A 111 -42.60 4.40 -10.06
C THR A 111 -41.89 3.66 -11.17
N VAL A 112 -42.63 2.81 -11.90
CA VAL A 112 -42.03 2.04 -12.98
C VAL A 112 -41.61 2.92 -14.14
N ALA A 113 -40.31 3.01 -14.34
CA ALA A 113 -39.76 3.82 -15.40
C ALA A 113 -38.90 2.93 -16.26
N ALA A 114 -39.20 2.93 -17.55
CA ALA A 114 -38.47 2.10 -18.50
C ALA A 114 -37.09 2.66 -18.61
N PRO A 115 -36.10 1.80 -18.84
CA PRO A 115 -34.71 2.23 -18.96
C PRO A 115 -34.43 2.94 -20.27
N SER A 116 -33.52 3.91 -20.21
CA SER A 116 -33.08 4.66 -21.38
C SER A 116 -31.81 3.95 -21.82
N VAL A 117 -31.86 3.32 -22.99
CA VAL A 117 -30.73 2.56 -23.50
C VAL A 117 -29.73 3.27 -24.45
N PHE A 118 -28.45 2.98 -24.24
CA PHE A 118 -27.36 3.54 -25.05
C PHE A 118 -26.38 2.42 -25.28
N ILE A 119 -25.57 2.55 -26.32
CA ILE A 119 -24.58 1.55 -26.64
C ILE A 119 -23.28 2.29 -26.92
N PHE A 120 -22.16 1.64 -26.64
CA PHE A 120 -20.88 2.28 -26.87
C PHE A 120 -19.88 1.44 -27.61
N PRO A 121 -19.57 1.84 -28.85
CA PRO A 121 -18.61 1.11 -29.66
C PRO A 121 -17.26 1.21 -28.94
N PRO A 122 -16.35 0.27 -29.19
CA PRO A 122 -15.02 0.24 -28.58
C PRO A 122 -14.16 1.39 -29.04
N SER A 123 -13.12 1.73 -28.27
CA SER A 123 -12.21 2.82 -28.65
C SER A 123 -11.35 2.32 -29.80
N ASP A 124 -10.11 2.81 -29.90
CA ASP A 124 -9.17 2.34 -30.90
C ASP A 124 -7.90 2.14 -30.13
N GLU A 125 -7.74 3.01 -29.13
CA GLU A 125 -6.59 2.94 -28.25
C GLU A 125 -6.66 1.62 -27.53
N GLN A 126 -7.86 1.04 -27.50
CA GLN A 126 -8.04 -0.25 -26.85
C GLN A 126 -7.72 -1.31 -27.91
N LEU A 127 -8.36 -1.19 -29.06
CA LEU A 127 -8.18 -2.14 -30.15
C LEU A 127 -6.78 -2.42 -30.69
N LYS A 128 -5.75 -2.02 -29.98
CA LYS A 128 -4.40 -2.30 -30.46
C LYS A 128 -3.79 -3.37 -29.59
N SER A 129 -4.16 -3.36 -28.30
CA SER A 129 -3.67 -4.37 -27.37
C SER A 129 -4.15 -5.74 -27.86
N GLY A 130 -5.38 -5.76 -28.38
CA GLY A 130 -5.94 -7.00 -28.89
C GLY A 130 -7.34 -7.32 -28.42
N THR A 131 -7.91 -6.43 -27.60
CA THR A 131 -9.25 -6.62 -27.07
C THR A 131 -10.21 -5.49 -27.36
N ALA A 132 -11.50 -5.83 -27.43
CA ALA A 132 -12.57 -4.88 -27.70
C ALA A 132 -13.67 -5.03 -26.65
N SER A 133 -14.04 -3.94 -25.98
CA SER A 133 -15.10 -4.00 -24.98
C SER A 133 -16.29 -3.13 -25.41
N VAL A 134 -17.37 -3.79 -25.80
CA VAL A 134 -18.59 -3.08 -26.21
C VAL A 134 -19.35 -2.85 -24.90
N VAL A 135 -19.96 -1.68 -24.73
CA VAL A 135 -20.66 -1.42 -23.47
C VAL A 135 -22.11 -1.00 -23.66
N CYS A 136 -23.01 -1.54 -22.86
CA CYS A 136 -24.41 -1.15 -22.96
C CYS A 136 -24.78 -0.46 -21.66
N LEU A 137 -25.57 0.60 -21.76
CA LEU A 137 -26.00 1.37 -20.60
C LEU A 137 -27.53 1.50 -20.48
N LEU A 138 -28.05 1.04 -19.36
CA LEU A 138 -29.49 1.09 -19.06
C LEU A 138 -29.60 2.16 -17.99
N ASN A 139 -30.03 3.36 -18.41
CA ASN A 139 -30.13 4.50 -17.53
C ASN A 139 -31.43 4.72 -16.78
N ASN A 140 -31.29 5.04 -15.49
CA ASN A 140 -32.40 5.32 -14.56
C ASN A 140 -33.73 4.63 -14.89
N PHE A 141 -34.00 3.52 -14.21
CA PHE A 141 -35.22 2.72 -14.40
C PHE A 141 -35.67 2.00 -13.12
N TYR A 142 -36.98 1.86 -12.96
CA TYR A 142 -37.51 1.17 -11.79
C TYR A 142 -38.59 0.19 -12.26
N PRO A 143 -38.63 -1.00 -11.67
CA PRO A 143 -37.75 -1.48 -10.60
C PRO A 143 -36.41 -2.03 -11.05
N ARG A 144 -35.67 -2.65 -10.13
CA ARG A 144 -34.35 -3.17 -10.46
C ARG A 144 -34.42 -4.29 -11.49
N GLU A 145 -34.99 -5.43 -11.10
CA GLU A 145 -35.11 -6.58 -11.98
C GLU A 145 -35.22 -6.15 -13.43
N ALA A 146 -34.26 -6.56 -14.25
CA ALA A 146 -34.22 -6.24 -15.68
C ALA A 146 -32.89 -6.71 -16.18
N LYS A 147 -32.86 -7.44 -17.30
CA LYS A 147 -31.58 -7.88 -17.81
C LYS A 147 -31.30 -7.66 -19.30
N VAL A 148 -30.02 -7.81 -19.64
CA VAL A 148 -29.56 -7.59 -20.99
C VAL A 148 -29.12 -8.81 -21.74
N GLN A 149 -29.53 -8.88 -23.00
CA GLN A 149 -29.10 -9.96 -23.85
C GLN A 149 -28.35 -9.33 -25.03
N TRP A 150 -27.03 -9.48 -25.06
CA TRP A 150 -26.23 -8.94 -26.15
C TRP A 150 -26.40 -9.81 -27.38
N LYS A 151 -26.13 -9.24 -28.55
CA LYS A 151 -26.27 -10.00 -29.78
C LYS A 151 -25.24 -9.65 -30.84
N VAL A 152 -24.47 -10.63 -31.27
CA VAL A 152 -23.48 -10.38 -32.31
C VAL A 152 -24.07 -10.88 -33.64
N ASP A 153 -24.70 -9.96 -34.37
CA ASP A 153 -25.34 -10.29 -35.63
C ASP A 153 -26.41 -11.31 -35.30
N ASN A 154 -27.48 -10.80 -34.71
CA ASN A 154 -28.61 -11.63 -34.32
C ASN A 154 -28.29 -13.07 -33.92
N ALA A 155 -27.34 -13.18 -32.99
CA ALA A 155 -26.88 -14.45 -32.45
C ALA A 155 -26.84 -14.31 -30.93
N LEU A 156 -27.88 -14.79 -30.25
CA LEU A 156 -27.92 -14.67 -28.79
C LEU A 156 -26.53 -14.97 -28.24
N GLN A 157 -25.99 -14.06 -27.45
CA GLN A 157 -24.67 -14.24 -26.87
C GLN A 157 -24.76 -14.83 -25.46
N SER A 158 -23.75 -15.60 -25.06
CA SER A 158 -23.80 -16.24 -23.74
C SER A 158 -22.59 -16.07 -22.85
N GLY A 159 -22.88 -15.58 -21.65
CA GLY A 159 -21.86 -15.39 -20.63
C GLY A 159 -20.52 -14.74 -20.97
N ASN A 160 -20.50 -13.79 -21.90
CA ASN A 160 -19.24 -13.12 -22.21
C ASN A 160 -19.45 -11.65 -21.93
N SER A 161 -20.48 -11.36 -21.14
CA SER A 161 -20.83 -10.02 -20.74
C SER A 161 -20.75 -10.01 -19.22
N GLN A 162 -20.83 -8.81 -18.65
CA GLN A 162 -20.75 -8.60 -17.21
C GLN A 162 -21.47 -7.31 -16.82
N GLU A 163 -22.48 -7.40 -15.96
CA GLU A 163 -23.22 -6.21 -15.58
C GLU A 163 -22.92 -5.72 -14.19
N SER A 164 -23.26 -4.45 -13.97
CA SER A 164 -23.06 -3.81 -12.72
C SER A 164 -24.30 -2.95 -12.51
N VAL A 165 -24.68 -2.73 -11.26
CA VAL A 165 -25.83 -1.90 -10.98
C VAL A 165 -25.60 -0.92 -9.84
N THR A 166 -25.97 0.31 -10.07
CA THR A 166 -25.82 1.34 -9.07
C THR A 166 -26.77 1.00 -7.93
N GLU A 167 -26.58 1.64 -6.79
CA GLU A 167 -27.45 1.41 -5.65
C GLU A 167 -28.69 2.17 -6.09
N GLN A 168 -29.78 2.02 -5.35
CA GLN A 168 -30.97 2.74 -5.71
C GLN A 168 -30.79 4.24 -5.48
N ASP A 169 -31.07 5.03 -6.51
CA ASP A 169 -30.94 6.47 -6.38
C ASP A 169 -31.88 6.88 -5.27
N SER A 170 -31.51 7.93 -4.57
CA SER A 170 -32.29 8.44 -3.49
C SER A 170 -33.50 9.23 -3.97
N LYS A 171 -33.36 9.96 -5.07
CA LYS A 171 -34.46 10.78 -5.62
C LYS A 171 -35.34 10.05 -6.64
N ASP A 172 -34.75 9.63 -7.76
CA ASP A 172 -35.53 8.92 -8.77
C ASP A 172 -36.20 7.73 -8.16
N SER A 173 -35.44 7.00 -7.35
CA SER A 173 -35.91 5.77 -6.70
C SER A 173 -35.57 4.71 -7.74
N THR A 174 -34.63 5.07 -8.60
CA THR A 174 -34.19 4.25 -9.70
C THR A 174 -32.88 3.47 -9.56
N TYR A 175 -32.47 2.87 -10.67
CA TYR A 175 -31.26 2.09 -10.75
C TYR A 175 -30.65 2.31 -12.14
N SER A 176 -29.39 1.93 -12.32
CA SER A 176 -28.67 2.03 -13.60
C SER A 176 -27.86 0.74 -13.80
N LEU A 177 -27.45 0.47 -15.03
CA LEU A 177 -26.75 -0.77 -15.27
C LEU A 177 -25.72 -0.75 -16.40
N SER A 178 -24.53 -1.30 -16.13
CA SER A 178 -23.48 -1.34 -17.15
C SER A 178 -23.16 -2.79 -17.57
N SER A 179 -23.71 -3.19 -18.72
CA SER A 179 -23.44 -4.51 -19.25
C SER A 179 -22.33 -4.34 -20.26
N THR A 180 -21.19 -4.96 -19.97
CA THR A 180 -20.04 -4.89 -20.85
C THR A 180 -19.79 -6.24 -21.52
N LEU A 181 -19.81 -6.23 -22.85
CA LEU A 181 -19.56 -7.40 -23.67
C LEU A 181 -18.09 -7.29 -23.98
N THR A 182 -17.35 -8.37 -23.78
CA THR A 182 -15.94 -8.32 -24.05
C THR A 182 -15.57 -9.33 -25.09
N LEU A 183 -15.00 -8.82 -26.18
CA LEU A 183 -14.58 -9.63 -27.30
C LEU A 183 -13.10 -9.40 -27.60
N SER A 184 -12.55 -10.25 -28.46
CA SER A 184 -11.17 -10.09 -28.86
C SER A 184 -11.28 -8.98 -29.89
N LYS A 185 -10.17 -8.43 -30.34
CA LYS A 185 -10.28 -7.39 -31.35
C LYS A 185 -10.53 -8.14 -32.65
N ALA A 186 -10.00 -9.35 -32.73
CA ALA A 186 -10.13 -10.21 -33.90
C ALA A 186 -11.58 -10.62 -34.16
N ASP A 187 -12.20 -11.21 -33.14
CA ASP A 187 -13.57 -11.65 -33.22
C ASP A 187 -14.43 -10.43 -33.48
N TYR A 188 -13.97 -9.29 -32.98
CA TYR A 188 -14.69 -8.05 -33.15
C TYR A 188 -14.68 -7.65 -34.60
N GLU A 189 -13.50 -7.67 -35.22
CA GLU A 189 -13.37 -7.30 -36.62
C GLU A 189 -14.06 -8.37 -37.47
N LYS A 190 -14.25 -9.56 -36.90
CA LYS A 190 -14.91 -10.66 -37.60
C LYS A 190 -16.43 -10.52 -37.66
N HIS A 191 -16.99 -9.46 -37.07
CA HIS A 191 -18.44 -9.35 -37.10
C HIS A 191 -19.11 -8.12 -37.67
N LYS A 192 -20.42 -8.00 -37.47
CA LYS A 192 -21.15 -6.89 -38.06
C LYS A 192 -22.02 -6.06 -37.11
N VAL A 193 -23.25 -6.52 -36.85
CA VAL A 193 -24.13 -5.77 -35.97
C VAL A 193 -23.85 -6.09 -34.50
N TYR A 194 -23.70 -5.04 -33.70
CA TYR A 194 -23.46 -5.20 -32.27
C TYR A 194 -24.64 -4.61 -31.55
N ALA A 195 -25.56 -5.48 -31.15
CA ALA A 195 -26.76 -5.03 -30.49
C ALA A 195 -26.82 -5.38 -29.02
N CYS A 196 -27.76 -4.72 -28.35
CA CYS A 196 -27.99 -4.89 -26.94
C CYS A 196 -29.50 -4.85 -26.75
N GLU A 197 -30.11 -6.00 -26.55
CA GLU A 197 -31.55 -6.06 -26.36
C GLU A 197 -31.91 -5.93 -24.89
N VAL A 198 -32.65 -4.88 -24.56
CA VAL A 198 -33.08 -4.64 -23.18
C VAL A 198 -34.54 -5.03 -22.95
N THR A 199 -34.78 -5.78 -21.89
CA THR A 199 -36.11 -6.23 -21.52
C THR A 199 -36.41 -5.61 -20.15
N HIS A 200 -37.57 -4.96 -19.99
CA HIS A 200 -37.91 -4.35 -18.72
C HIS A 200 -39.39 -3.98 -18.57
N GLN A 201 -39.90 -4.25 -17.37
CA GLN A 201 -41.28 -4.02 -16.97
C GLN A 201 -41.94 -2.72 -17.44
N GLY A 202 -41.15 -1.67 -17.62
CA GLY A 202 -41.71 -0.39 -18.05
C GLY A 202 -41.71 -0.23 -19.56
N LEU A 203 -41.59 -1.36 -20.25
CA LEU A 203 -41.55 -1.37 -21.70
C LEU A 203 -42.45 -2.45 -22.30
N SER A 204 -43.65 -2.07 -22.72
CA SER A 204 -44.60 -3.02 -23.33
C SER A 204 -43.92 -3.85 -24.40
N SER A 205 -42.94 -3.22 -25.07
CA SER A 205 -42.19 -3.86 -26.15
C SER A 205 -40.67 -3.90 -25.87
N PRO A 206 -40.04 -5.07 -26.10
CA PRO A 206 -38.59 -5.13 -25.85
C PRO A 206 -37.93 -4.02 -26.68
N VAL A 207 -36.82 -3.47 -26.19
CA VAL A 207 -36.10 -2.39 -26.87
C VAL A 207 -34.66 -2.72 -27.31
N THR A 208 -34.26 -2.24 -28.47
CA THR A 208 -32.92 -2.52 -28.95
C THR A 208 -32.15 -1.28 -29.34
N LYS A 209 -30.83 -1.42 -29.28
CA LYS A 209 -29.90 -0.37 -29.65
C LYS A 209 -28.70 -1.08 -30.29
N SER A 210 -28.48 -0.80 -31.57
CA SER A 210 -27.41 -1.41 -32.36
C SER A 210 -26.45 -0.43 -33.03
N PHE A 211 -25.45 -0.98 -33.70
CA PHE A 211 -24.46 -0.19 -34.43
C PHE A 211 -23.54 -1.02 -35.34
N ASN A 212 -23.65 -0.79 -36.64
CA ASN A 212 -22.80 -1.49 -37.61
C ASN A 212 -21.43 -0.85 -37.39
N ARG A 213 -20.35 -1.63 -37.51
CA ARG A 213 -19.03 -1.06 -37.28
C ARG A 213 -18.28 -0.75 -38.56
N VAL B 2 -13.83 -2.67 26.17
CA VAL B 2 -13.18 -3.82 25.47
C VAL B 2 -12.60 -3.39 24.13
N GLN B 3 -11.60 -4.15 23.65
CA GLN B 3 -10.97 -3.84 22.37
C GLN B 3 -10.38 -5.02 21.64
N LEU B 4 -11.16 -5.62 20.75
CA LEU B 4 -10.69 -6.73 19.92
C LEU B 4 -10.13 -6.14 18.62
N VAL B 5 -8.81 -6.19 18.41
CA VAL B 5 -8.26 -5.62 17.17
C VAL B 5 -7.31 -6.50 16.37
N GLU B 6 -7.63 -6.69 15.09
CA GLU B 6 -6.87 -7.56 14.20
C GLU B 6 -5.72 -7.00 13.38
N SER B 7 -4.91 -7.96 12.93
CA SER B 7 -3.73 -7.72 12.10
C SER B 7 -3.49 -9.01 11.31
N GLY B 8 -2.58 -8.95 10.35
CA GLY B 8 -2.25 -10.12 9.55
C GLY B 8 -2.60 -10.03 8.07
N GLY B 9 -3.69 -9.33 7.75
CA GLY B 9 -4.14 -9.18 6.38
C GLY B 9 -3.16 -8.57 5.39
N GLY B 10 -3.45 -8.83 4.12
CA GLY B 10 -2.61 -8.33 3.05
C GLY B 10 -2.98 -9.10 1.79
N VAL B 11 -2.10 -9.07 0.80
CA VAL B 11 -2.38 -9.80 -0.42
C VAL B 11 -1.57 -11.09 -0.36
N VAL B 12 -2.18 -12.17 -0.84
CA VAL B 12 -1.54 -13.47 -0.84
C VAL B 12 -2.15 -14.16 -2.07
N GLN B 13 -1.47 -15.15 -2.63
CA GLN B 13 -2.01 -15.83 -3.79
C GLN B 13 -2.44 -17.25 -3.47
N PRO B 14 -3.27 -17.86 -4.35
CA PRO B 14 -3.74 -19.24 -4.13
C PRO B 14 -2.56 -20.16 -3.86
N GLY B 15 -2.63 -20.84 -2.73
CA GLY B 15 -1.56 -21.75 -2.37
C GLY B 15 -0.98 -21.31 -1.05
N ARG B 16 -0.45 -20.09 -1.03
CA ARG B 16 0.16 -19.52 0.17
C ARG B 16 -0.75 -19.60 1.39
N SER B 17 -0.24 -19.06 2.47
CA SER B 17 -0.97 -19.03 3.72
C SER B 17 -0.74 -17.69 4.41
N LEU B 18 -1.45 -17.47 5.51
CA LEU B 18 -1.33 -16.26 6.31
C LEU B 18 -1.60 -16.62 7.76
N ARG B 19 -1.47 -15.63 8.63
CA ARG B 19 -1.72 -15.80 10.06
C ARG B 19 -2.17 -14.44 10.51
N LEU B 20 -3.27 -14.39 11.27
CA LEU B 20 -3.78 -13.12 11.74
C LEU B 20 -3.43 -12.94 13.21
N SER B 21 -4.41 -12.54 13.99
CA SER B 21 -4.27 -12.32 15.43
C SER B 21 -5.16 -11.17 15.82
N CYS B 22 -5.87 -11.38 16.92
CA CYS B 22 -6.83 -10.42 17.44
C CYS B 22 -6.38 -10.21 18.86
N ALA B 23 -5.66 -9.12 19.10
CA ALA B 23 -5.16 -8.81 20.44
C ALA B 23 -6.27 -8.24 21.30
N ALA B 24 -6.24 -8.56 22.60
CA ALA B 24 -7.29 -8.08 23.48
C ALA B 24 -6.85 -7.13 24.58
N SER B 25 -7.77 -6.22 24.92
CA SER B 25 -7.59 -5.23 25.97
C SER B 25 -8.99 -5.04 26.55
N GLY B 26 -9.17 -4.05 27.41
CA GLY B 26 -10.48 -3.84 27.96
C GLY B 26 -11.06 -5.02 28.75
N PHE B 27 -10.40 -6.17 28.80
CA PHE B 27 -10.98 -7.29 29.54
C PHE B 27 -10.10 -8.50 29.84
N THR B 28 -10.72 -9.45 30.54
CA THR B 28 -10.07 -10.68 30.93
C THR B 28 -10.33 -11.70 29.83
N PHE B 29 -9.49 -11.59 28.80
CA PHE B 29 -9.54 -12.40 27.59
C PHE B 29 -9.68 -13.89 27.76
N SER B 30 -9.43 -14.40 28.97
CA SER B 30 -9.50 -15.84 29.20
C SER B 30 -10.89 -16.42 29.49
N SER B 31 -11.74 -15.63 30.14
CA SER B 31 -13.10 -16.07 30.51
C SER B 31 -14.09 -16.06 29.35
N TYR B 32 -13.62 -15.92 28.12
CA TYR B 32 -14.53 -15.88 26.98
C TYR B 32 -14.07 -16.72 25.81
N GLY B 33 -15.01 -17.15 24.97
CA GLY B 33 -14.67 -17.92 23.79
C GLY B 33 -14.47 -16.97 22.63
N MET B 34 -13.42 -17.14 21.84
CA MET B 34 -13.18 -16.25 20.72
C MET B 34 -13.80 -16.74 19.43
N HIS B 35 -13.95 -15.83 18.47
CA HIS B 35 -14.58 -16.10 17.16
C HIS B 35 -13.87 -15.49 15.96
N TRP B 36 -14.26 -15.96 14.77
CA TRP B 36 -13.77 -15.45 13.50
C TRP B 36 -14.92 -15.44 12.51
N VAL B 37 -15.24 -14.25 12.01
CA VAL B 37 -16.32 -14.08 11.06
C VAL B 37 -15.72 -13.36 9.88
N ARG B 38 -16.30 -13.51 8.70
CA ARG B 38 -15.74 -12.82 7.53
C ARG B 38 -16.76 -12.26 6.54
N GLN B 39 -16.42 -11.11 5.94
CA GLN B 39 -17.27 -10.45 4.95
C GLN B 39 -16.61 -10.43 3.56
N ALA B 40 -17.03 -11.36 2.72
CA ALA B 40 -16.50 -11.46 1.36
C ALA B 40 -16.98 -10.22 0.59
N PRO B 41 -16.06 -9.31 0.20
CA PRO B 41 -16.37 -8.09 -0.54
C PRO B 41 -17.68 -8.17 -1.30
N GLY B 42 -18.66 -7.38 -0.88
CA GLY B 42 -19.95 -7.36 -1.57
C GLY B 42 -21.03 -8.15 -0.89
N LYS B 43 -20.67 -9.32 -0.41
CA LYS B 43 -21.63 -10.18 0.26
C LYS B 43 -21.94 -9.76 1.71
N GLY B 44 -22.46 -10.70 2.49
CA GLY B 44 -22.79 -10.38 3.86
C GLY B 44 -21.91 -11.05 4.91
N LEU B 45 -22.54 -11.58 5.96
CA LEU B 45 -21.81 -12.22 7.04
C LEU B 45 -21.74 -13.75 7.04
N GLU B 46 -20.52 -14.26 7.20
CA GLU B 46 -20.25 -15.68 7.23
C GLU B 46 -19.24 -15.96 8.32
N TRP B 47 -19.69 -16.76 9.29
CA TRP B 47 -18.84 -17.16 10.42
C TRP B 47 -17.81 -18.18 9.93
N VAL B 48 -16.59 -18.07 10.43
CA VAL B 48 -15.53 -18.96 10.00
C VAL B 48 -15.04 -20.01 10.99
N ALA B 49 -15.02 -19.69 12.29
CA ALA B 49 -14.55 -20.64 13.30
C ALA B 49 -14.64 -20.13 14.73
N VAL B 50 -14.45 -21.05 15.69
CA VAL B 50 -14.50 -20.69 17.12
C VAL B 50 -13.42 -21.37 17.97
N ILE B 51 -13.18 -20.80 19.15
CA ILE B 51 -12.19 -21.30 20.10
C ILE B 51 -12.71 -20.93 21.49
N SER B 52 -12.34 -21.69 22.53
CA SER B 52 -12.84 -21.42 23.89
C SER B 52 -11.94 -20.77 24.95
N TYR B 53 -12.41 -20.79 26.21
CA TYR B 53 -11.69 -20.17 27.33
C TYR B 53 -10.19 -20.45 27.47
N ASP B 54 -9.78 -21.73 27.43
CA ASP B 54 -8.35 -22.02 27.52
C ASP B 54 -7.87 -22.52 26.17
N GLY B 55 -8.71 -23.22 25.42
CA GLY B 55 -8.26 -23.67 24.11
C GLY B 55 -8.02 -25.14 23.88
N SER B 56 -9.12 -25.88 23.83
CA SER B 56 -9.07 -27.32 23.59
C SER B 56 -10.24 -27.63 22.67
N ASN B 57 -11.32 -26.88 22.86
CA ASN B 57 -12.53 -27.04 22.04
C ASN B 57 -12.45 -26.08 20.86
N LYS B 58 -12.78 -26.60 19.68
CA LYS B 58 -12.70 -25.82 18.47
C LYS B 58 -13.61 -26.42 17.44
N TYR B 59 -14.55 -25.62 16.97
CA TYR B 59 -15.44 -26.06 15.91
C TYR B 59 -15.16 -25.05 14.81
N TYR B 60 -15.07 -25.57 13.59
CA TYR B 60 -14.80 -24.74 12.43
C TYR B 60 -16.02 -24.71 11.56
N ALA B 61 -16.04 -23.75 10.65
CA ALA B 61 -17.15 -23.68 9.71
C ALA B 61 -16.70 -24.76 8.78
N ASP B 62 -17.58 -25.28 7.94
CA ASP B 62 -17.10 -26.28 6.99
C ASP B 62 -16.20 -25.44 6.09
N SER B 63 -16.31 -25.58 4.78
CA SER B 63 -15.48 -24.78 3.86
C SER B 63 -14.01 -24.65 4.26
N VAL B 64 -13.61 -25.25 5.39
CA VAL B 64 -12.23 -25.15 5.83
C VAL B 64 -11.65 -26.37 6.55
N LYS B 65 -10.85 -26.09 7.58
CA LYS B 65 -10.14 -27.09 8.38
C LYS B 65 -9.29 -27.90 7.40
N GLY B 66 -8.15 -28.38 7.86
CA GLY B 66 -7.27 -29.07 6.94
C GLY B 66 -6.98 -27.94 5.97
N ARG B 67 -7.09 -26.73 6.53
CA ARG B 67 -6.89 -25.45 5.86
C ARG B 67 -6.83 -24.37 6.94
N PHE B 68 -7.92 -24.21 7.69
CA PHE B 68 -8.00 -23.22 8.77
C PHE B 68 -7.74 -23.84 10.15
N THR B 69 -6.98 -23.13 10.96
CA THR B 69 -6.63 -23.60 12.30
C THR B 69 -6.59 -22.42 13.27
N ILE B 70 -7.57 -22.34 14.16
CA ILE B 70 -7.65 -21.27 15.14
C ILE B 70 -6.90 -21.63 16.43
N SER B 71 -6.55 -20.63 17.23
CA SER B 71 -5.84 -20.85 18.49
C SER B 71 -5.82 -19.58 19.34
N ARG B 72 -5.13 -19.60 20.47
CA ARG B 72 -5.09 -18.41 21.32
C ARG B 72 -3.98 -18.53 22.37
N ASP B 73 -3.51 -17.39 22.85
CA ASP B 73 -2.46 -17.33 23.87
C ASP B 73 -3.01 -16.55 25.07
N ASN B 74 -3.76 -17.27 25.92
CA ASN B 74 -4.39 -16.67 27.08
C ASN B 74 -3.44 -15.96 28.05
N SER B 75 -2.18 -15.84 27.69
CA SER B 75 -1.23 -15.17 28.59
C SER B 75 -0.88 -13.76 28.09
N LYS B 76 -0.79 -13.60 26.77
CA LYS B 76 -0.47 -12.28 26.23
C LYS B 76 -1.67 -11.64 25.51
N ASN B 77 -2.84 -12.25 25.73
CA ASN B 77 -4.13 -11.76 25.22
C ASN B 77 -4.57 -11.73 23.76
N THR B 78 -3.95 -12.52 22.88
CA THR B 78 -4.35 -12.51 21.48
C THR B 78 -5.07 -13.81 21.02
N LEU B 79 -5.68 -13.72 19.84
CA LEU B 79 -6.41 -14.83 19.22
C LEU B 79 -5.81 -15.08 17.84
N TYR B 80 -5.52 -16.32 17.50
CA TYR B 80 -4.93 -16.59 16.20
C TYR B 80 -5.79 -17.33 15.19
N LEU B 81 -5.35 -17.28 13.93
CA LEU B 81 -6.01 -17.97 12.82
C LEU B 81 -4.95 -18.16 11.73
N GLN B 82 -4.42 -19.39 11.62
CA GLN B 82 -3.41 -19.73 10.63
C GLN B 82 -4.10 -20.30 9.40
N MET B 83 -4.23 -19.45 8.38
CA MET B 83 -4.87 -19.87 7.14
C MET B 83 -3.84 -20.54 6.25
N ASN B 84 -4.28 -21.53 5.46
CA ASN B 84 -3.40 -22.24 4.53
C ASN B 84 -4.34 -22.71 3.43
N SER B 85 -3.80 -23.02 2.25
CA SER B 85 -4.63 -23.51 1.17
C SER B 85 -5.50 -22.38 0.62
N LEU B 86 -5.22 -21.16 1.09
CA LEU B 86 -5.99 -19.98 0.70
C LEU B 86 -6.48 -19.99 -0.73
N ARG B 87 -7.74 -19.62 -0.93
CA ARG B 87 -8.33 -19.56 -2.27
C ARG B 87 -8.98 -18.20 -2.53
N ALA B 88 -9.52 -18.05 -3.74
CA ALA B 88 -10.18 -16.81 -4.17
C ALA B 88 -11.36 -16.62 -3.23
N GLU B 89 -12.22 -17.64 -3.18
CA GLU B 89 -13.40 -17.61 -2.34
C GLU B 89 -13.16 -16.95 -0.99
N ASP B 90 -11.98 -17.14 -0.43
CA ASP B 90 -11.63 -16.59 0.86
C ASP B 90 -11.38 -15.09 0.89
N THR B 91 -11.23 -14.48 -0.28
CA THR B 91 -10.99 -13.04 -0.35
C THR B 91 -12.08 -12.37 0.50
N ALA B 92 -11.70 -11.79 1.62
CA ALA B 92 -12.69 -11.17 2.52
C ALA B 92 -12.12 -10.40 3.69
N VAL B 93 -12.98 -9.65 4.35
CA VAL B 93 -12.60 -8.85 5.52
C VAL B 93 -12.83 -9.71 6.77
N TYR B 94 -11.76 -9.94 7.53
CA TYR B 94 -11.85 -10.78 8.71
C TYR B 94 -12.05 -10.09 10.05
N TYR B 95 -13.09 -10.55 10.75
CA TYR B 95 -13.48 -10.08 12.06
C TYR B 95 -13.32 -11.15 13.13
N CYS B 96 -13.07 -10.69 14.35
CA CYS B 96 -12.95 -11.58 15.48
C CYS B 96 -13.91 -11.04 16.51
N ALA B 97 -14.94 -11.80 16.82
CA ALA B 97 -15.89 -11.31 17.79
C ALA B 97 -15.67 -12.07 19.10
N LYS B 98 -16.05 -11.44 20.21
CA LYS B 98 -15.94 -12.05 21.54
C LYS B 98 -17.20 -12.87 21.68
N ASP B 99 -17.12 -14.00 22.37
CA ASP B 99 -18.33 -14.77 22.55
C ASP B 99 -18.96 -14.26 23.84
N GLY B 100 -20.28 -14.44 23.97
CA GLY B 100 -20.98 -14.00 25.16
C GLY B 100 -20.78 -14.93 26.34
N SER B 109 -22.06 -19.61 23.82
CA SER B 109 -23.35 -18.97 23.65
C SER B 109 -23.66 -18.73 22.16
N GLY B 110 -22.71 -18.17 21.42
CA GLY B 110 -22.94 -17.88 20.03
C GLY B 110 -23.53 -16.49 19.94
N LEU B 111 -23.03 -15.64 20.81
CA LEU B 111 -23.52 -14.28 20.87
C LEU B 111 -22.31 -13.34 20.83
N LEU B 112 -21.88 -13.03 19.62
CA LEU B 112 -20.73 -12.16 19.43
C LEU B 112 -21.09 -10.76 19.95
N ASP B 113 -20.98 -10.59 21.26
CA ASP B 113 -21.33 -9.33 21.91
C ASP B 113 -20.36 -8.20 21.73
N TYR B 114 -19.25 -8.46 21.05
CA TYR B 114 -18.25 -7.42 20.82
C TYR B 114 -17.39 -7.76 19.60
N TRP B 115 -17.31 -6.82 18.66
CA TRP B 115 -16.52 -7.07 17.45
C TRP B 115 -15.22 -6.25 17.37
N GLY B 116 -14.46 -6.46 16.30
CA GLY B 116 -13.22 -5.75 16.08
C GLY B 116 -13.42 -5.00 14.78
N GLN B 117 -12.48 -4.13 14.41
CA GLN B 117 -12.63 -3.36 13.17
C GLN B 117 -12.27 -4.05 11.87
N GLY B 118 -11.94 -5.34 11.94
CA GLY B 118 -11.59 -6.11 10.76
C GLY B 118 -10.25 -5.88 10.08
N THR B 119 -9.79 -6.90 9.36
CA THR B 119 -8.53 -6.84 8.59
C THR B 119 -8.87 -7.44 7.24
N LEU B 120 -8.29 -6.92 6.17
CA LEU B 120 -8.63 -7.43 4.84
C LEU B 120 -7.69 -8.44 4.25
N VAL B 121 -8.25 -9.57 3.85
CA VAL B 121 -7.46 -10.61 3.22
C VAL B 121 -7.92 -10.69 1.76
N THR B 122 -6.99 -10.56 0.82
CA THR B 122 -7.36 -10.60 -0.59
C THR B 122 -6.55 -11.68 -1.31
N VAL B 123 -7.20 -12.50 -2.11
CA VAL B 123 -6.54 -13.59 -2.83
C VAL B 123 -6.55 -13.38 -4.34
N SER B 124 -5.36 -13.13 -4.91
CA SER B 124 -5.25 -12.90 -6.34
C SER B 124 -3.95 -13.48 -6.87
N PHE B 128 -0.57 -6.55 -9.22
CA PHE B 128 -0.68 -5.11 -8.94
C PHE B 128 -0.42 -4.31 -10.22
N LYS B 129 -1.49 -3.83 -10.82
CA LYS B 129 -1.40 -3.11 -12.08
C LYS B 129 -2.41 -1.98 -12.17
N GLY B 130 -2.05 -0.93 -12.92
CA GLY B 130 -2.91 0.22 -13.12
C GLY B 130 -3.93 0.05 -14.24
N PRO B 131 -5.01 0.85 -14.23
CA PRO B 131 -6.07 0.80 -15.25
C PRO B 131 -5.70 1.39 -16.61
N SER B 132 -6.36 0.87 -17.66
CA SER B 132 -6.19 1.36 -19.02
C SER B 132 -7.53 2.03 -19.30
N VAL B 133 -7.57 3.36 -19.17
CA VAL B 133 -8.77 4.17 -19.37
C VAL B 133 -9.08 4.49 -20.85
N PHE B 134 -10.27 4.07 -21.29
CA PHE B 134 -10.71 4.29 -22.66
C PHE B 134 -12.06 5.03 -22.70
N PRO B 135 -12.26 5.88 -23.71
CA PRO B 135 -13.51 6.63 -23.80
C PRO B 135 -14.75 5.97 -24.41
N LEU B 136 -15.89 6.39 -23.88
CA LEU B 136 -17.20 5.94 -24.34
C LEU B 136 -17.82 7.25 -24.83
N ALA B 137 -17.82 7.46 -26.16
CA ALA B 137 -18.36 8.67 -26.78
C ALA B 137 -19.82 8.99 -26.43
N THR B 147 -30.58 15.14 -24.89
CA THR B 147 -29.47 14.66 -24.06
C THR B 147 -28.64 13.55 -24.71
N ALA B 148 -27.42 13.38 -24.19
CA ALA B 148 -26.49 12.38 -24.69
C ALA B 148 -25.90 11.59 -23.51
N ALA B 149 -24.91 10.77 -23.79
CA ALA B 149 -24.29 9.95 -22.75
C ALA B 149 -22.92 9.49 -23.17
N LEU B 150 -21.95 9.71 -22.31
CA LEU B 150 -20.58 9.32 -22.56
C LEU B 150 -19.96 8.89 -21.24
N GLY B 151 -18.72 8.41 -21.31
CA GLY B 151 -18.05 7.96 -20.11
C GLY B 151 -16.70 7.34 -20.31
N CYS B 152 -16.17 6.80 -19.22
CA CYS B 152 -14.87 6.17 -19.22
C CYS B 152 -14.93 4.70 -18.83
N LEU B 153 -14.03 3.92 -19.41
CA LEU B 153 -13.96 2.50 -19.14
C LEU B 153 -12.65 2.28 -18.44
N VAL B 154 -12.72 2.08 -17.12
CA VAL B 154 -11.52 1.86 -16.32
C VAL B 154 -11.35 0.35 -16.43
N LYS B 155 -10.31 -0.11 -17.13
CA LYS B 155 -10.12 -1.54 -17.33
C LYS B 155 -8.79 -2.17 -16.94
N ASP B 156 -8.91 -3.39 -16.42
CA ASP B 156 -7.80 -4.23 -15.98
C ASP B 156 -6.89 -3.56 -14.99
N TYR B 157 -7.23 -3.67 -13.71
CA TYR B 157 -6.43 -3.09 -12.65
C TYR B 157 -6.57 -3.95 -11.41
N PHE B 158 -5.56 -3.89 -10.54
CA PHE B 158 -5.55 -4.64 -9.31
C PHE B 158 -4.70 -3.88 -8.30
N PRO B 159 -5.17 -3.81 -7.03
CA PRO B 159 -6.42 -4.40 -6.58
C PRO B 159 -7.42 -3.25 -6.59
N GLU B 160 -8.36 -3.25 -5.66
CA GLU B 160 -9.30 -2.13 -5.59
C GLU B 160 -8.88 -1.26 -4.40
N PRO B 161 -9.50 -0.08 -4.21
CA PRO B 161 -10.57 0.48 -5.03
C PRO B 161 -10.12 1.54 -6.04
N VAL B 162 -11.13 2.12 -6.67
CA VAL B 162 -11.00 3.15 -7.69
C VAL B 162 -11.90 4.33 -7.32
N THR B 163 -11.71 5.44 -8.00
CA THR B 163 -12.48 6.66 -7.79
C THR B 163 -12.46 7.37 -9.14
N VAL B 164 -13.63 7.76 -9.63
CA VAL B 164 -13.71 8.43 -10.93
C VAL B 164 -14.42 9.75 -10.76
N SER B 165 -13.75 10.85 -11.05
CA SER B 165 -14.41 12.14 -10.93
C SER B 165 -14.65 12.57 -12.35
N TRP B 166 -15.52 13.57 -12.50
CA TRP B 166 -15.82 14.10 -13.83
C TRP B 166 -15.65 15.60 -13.87
N ASN B 167 -14.59 16.03 -14.52
CA ASN B 167 -14.27 17.45 -14.66
C ASN B 167 -13.77 18.03 -13.34
N SER B 168 -12.93 17.26 -12.66
CA SER B 168 -12.32 17.66 -11.40
C SER B 168 -13.29 17.98 -10.24
N GLY B 169 -14.47 17.37 -10.27
CA GLY B 169 -15.45 17.61 -9.23
C GLY B 169 -16.54 18.55 -9.66
N ALA B 170 -16.48 19.01 -10.91
CA ALA B 170 -17.48 19.93 -11.45
C ALA B 170 -18.72 19.20 -11.94
N LEU B 171 -18.50 18.16 -12.73
CA LEU B 171 -19.61 17.37 -13.28
C LEU B 171 -19.98 16.28 -12.27
N THR B 172 -21.10 16.48 -11.60
CA THR B 172 -21.59 15.55 -10.59
C THR B 172 -22.98 15.05 -10.92
N SER B 173 -23.83 15.93 -11.40
CA SER B 173 -25.21 15.59 -11.76
C SER B 173 -25.25 14.77 -13.05
N GLY B 174 -25.64 13.51 -12.92
CA GLY B 174 -25.74 12.64 -14.07
C GLY B 174 -24.60 11.65 -14.17
N VAL B 175 -23.88 11.48 -13.07
CA VAL B 175 -22.76 10.55 -13.05
C VAL B 175 -23.18 9.25 -12.35
N HIS B 176 -22.76 8.13 -12.93
CA HIS B 176 -23.05 6.82 -12.40
C HIS B 176 -21.82 5.95 -12.49
N THR B 177 -20.98 5.98 -11.45
CA THR B 177 -19.79 5.12 -11.43
C THR B 177 -20.32 3.77 -11.00
N PHE B 178 -20.23 2.80 -11.90
CA PHE B 178 -20.77 1.49 -11.58
C PHE B 178 -19.89 0.66 -10.67
N PRO B 179 -20.49 -0.09 -9.75
CA PRO B 179 -19.62 -0.91 -8.90
C PRO B 179 -18.86 -1.79 -9.91
N ALA B 180 -17.63 -2.24 -9.63
CA ALA B 180 -16.90 -3.07 -10.59
C ALA B 180 -17.13 -4.58 -10.58
N VAL B 181 -16.51 -5.25 -11.55
CA VAL B 181 -16.64 -6.69 -11.71
C VAL B 181 -15.32 -7.40 -11.88
N LEU B 182 -15.00 -8.24 -10.90
CA LEU B 182 -13.79 -9.04 -10.94
C LEU B 182 -13.92 -9.97 -12.15
N GLN B 183 -12.85 -10.09 -12.90
CA GLN B 183 -12.88 -10.95 -14.07
C GLN B 183 -11.95 -12.16 -14.01
N SER B 184 -12.16 -13.08 -14.95
CA SER B 184 -11.42 -14.34 -15.04
C SER B 184 -9.93 -14.23 -14.82
N SER B 185 -9.44 -13.01 -14.95
CA SER B 185 -8.00 -12.79 -14.77
C SER B 185 -7.62 -12.34 -13.38
N GLY B 186 -8.56 -11.65 -12.75
CA GLY B 186 -8.33 -11.13 -11.42
C GLY B 186 -8.18 -9.64 -11.50
N LEU B 187 -8.33 -9.10 -12.71
CA LEU B 187 -8.21 -7.67 -12.94
C LEU B 187 -9.58 -7.06 -13.03
N TYR B 188 -9.89 -6.19 -12.09
CA TYR B 188 -11.15 -5.49 -12.07
C TYR B 188 -11.31 -4.51 -13.25
N SER B 189 -12.56 -4.23 -13.57
CA SER B 189 -12.87 -3.32 -14.64
C SER B 189 -14.24 -2.73 -14.39
N LEU B 190 -14.30 -1.40 -14.23
CA LEU B 190 -15.56 -0.73 -13.99
C LEU B 190 -15.89 0.26 -15.10
N SER B 191 -17.03 0.92 -14.95
CA SER B 191 -17.52 1.89 -15.91
C SER B 191 -18.09 3.09 -15.14
N SER B 192 -17.92 4.28 -15.69
CA SER B 192 -18.49 5.50 -15.12
C SER B 192 -19.07 6.22 -16.31
N VAL B 193 -20.33 6.60 -16.20
CA VAL B 193 -20.98 7.27 -17.31
C VAL B 193 -21.66 8.52 -16.85
N VAL B 194 -21.84 9.45 -17.78
CA VAL B 194 -22.49 10.72 -17.46
C VAL B 194 -23.48 11.03 -18.59
N THR B 195 -24.61 11.64 -18.24
CA THR B 195 -25.62 12.01 -19.24
C THR B 195 -25.58 13.54 -19.37
N VAL B 196 -25.15 14.01 -20.54
CA VAL B 196 -25.06 15.44 -20.77
C VAL B 196 -25.91 15.92 -21.91
N PRO B 197 -26.39 17.16 -21.83
CA PRO B 197 -27.23 17.73 -22.89
C PRO B 197 -26.38 18.11 -24.09
N SER B 198 -26.40 17.24 -25.09
CA SER B 198 -25.64 17.43 -26.33
C SER B 198 -24.67 18.61 -26.29
N SER B 199 -24.71 19.43 -27.34
CA SER B 199 -23.86 20.61 -27.41
C SER B 199 -22.43 20.42 -26.88
N GLN B 204 -18.52 22.78 -24.69
CA GLN B 204 -18.20 22.20 -23.39
C GLN B 204 -17.27 21.00 -23.48
N THR B 205 -16.27 20.96 -22.61
CA THR B 205 -15.30 19.88 -22.60
C THR B 205 -15.52 18.95 -21.40
N TYR B 206 -15.42 17.64 -21.66
CA TYR B 206 -15.60 16.64 -20.61
C TYR B 206 -14.38 15.76 -20.43
N ILE B 207 -13.95 15.62 -19.17
CA ILE B 207 -12.83 14.78 -18.82
C ILE B 207 -13.15 14.00 -17.56
N CYS B 208 -12.76 12.71 -17.52
CA CYS B 208 -13.01 11.93 -16.32
C CYS B 208 -11.71 11.79 -15.56
N ASN B 209 -11.78 11.97 -14.26
CA ASN B 209 -10.58 11.87 -13.45
C ASN B 209 -10.57 10.49 -12.81
N VAL B 210 -9.61 9.68 -13.23
CA VAL B 210 -9.48 8.33 -12.70
C VAL B 210 -8.26 8.27 -11.82
N ASN B 211 -8.39 7.62 -10.66
CA ASN B 211 -7.26 7.50 -9.76
C ASN B 211 -7.21 6.21 -8.93
N HIS B 212 -6.18 5.43 -9.23
CA HIS B 212 -5.92 4.15 -8.58
C HIS B 212 -4.84 4.35 -7.52
N LYS B 213 -5.21 5.01 -6.41
CA LYS B 213 -4.30 5.26 -5.30
C LYS B 213 -3.44 4.07 -4.90
N PRO B 214 -3.98 2.83 -5.04
CA PRO B 214 -3.29 1.58 -4.71
C PRO B 214 -2.07 1.24 -5.55
N SER B 215 -1.90 1.88 -6.69
CA SER B 215 -0.73 1.60 -7.54
C SER B 215 -0.06 2.88 -8.03
N ASN B 216 -0.60 4.03 -7.67
CA ASN B 216 -0.02 5.31 -8.07
C ASN B 216 -0.39 5.59 -9.52
N THR B 217 -1.56 5.13 -9.94
CA THR B 217 -1.94 5.37 -11.30
C THR B 217 -3.07 6.38 -11.32
N LYS B 218 -2.74 7.60 -11.69
CA LYS B 218 -3.74 8.64 -11.80
C LYS B 218 -3.85 8.84 -13.30
N VAL B 219 -5.06 8.89 -13.83
CA VAL B 219 -5.24 9.05 -15.27
C VAL B 219 -6.46 9.87 -15.68
N ASP B 220 -6.21 10.87 -16.53
CA ASP B 220 -7.29 11.69 -17.04
C ASP B 220 -7.43 11.33 -18.52
N LYS B 221 -8.64 11.38 -19.04
CA LYS B 221 -8.87 11.07 -20.44
C LYS B 221 -9.99 11.97 -20.94
N LYS B 222 -9.67 12.82 -21.92
CA LYS B 222 -10.67 13.73 -22.47
C LYS B 222 -11.72 12.86 -23.17
N VAL B 223 -12.88 13.44 -23.49
CA VAL B 223 -13.96 12.71 -24.14
C VAL B 223 -14.58 13.54 -25.27
N GLU B 224 -14.65 12.93 -26.46
CA GLU B 224 -15.21 13.60 -27.63
C GLU B 224 -16.00 12.59 -28.47
N GLU C 2 24.50 27.90 2.95
CA GLU C 2 24.09 28.32 4.33
C GLU C 2 25.29 28.15 5.26
N ILE C 3 25.17 27.20 6.18
CA ILE C 3 26.26 26.86 7.11
C ILE C 3 26.49 25.37 7.00
N VAL C 4 27.42 24.98 6.13
CA VAL C 4 27.67 23.56 5.96
C VAL C 4 28.27 22.97 7.24
N LEU C 5 27.95 21.71 7.51
CA LEU C 5 28.43 21.00 8.68
C LEU C 5 29.11 19.70 8.27
N THR C 6 30.44 19.70 8.24
CA THR C 6 31.15 18.50 7.79
C THR C 6 31.66 17.57 8.89
N GLN C 7 31.10 16.36 8.92
CA GLN C 7 31.49 15.39 9.92
C GLN C 7 32.53 14.36 9.42
N SER C 8 33.48 14.07 10.30
CA SER C 8 34.51 13.09 10.04
C SER C 8 34.63 12.24 11.29
N PRO C 9 34.82 10.90 11.12
CA PRO C 9 34.91 10.16 9.86
C PRO C 9 33.50 9.80 9.38
N ALA C 10 33.36 9.57 8.08
CA ALA C 10 32.07 9.25 7.51
C ALA C 10 31.51 8.04 8.22
N THR C 11 32.26 6.95 8.16
CA THR C 11 31.87 5.74 8.85
C THR C 11 32.99 5.38 9.84
N LEU C 12 32.63 4.95 11.03
CA LEU C 12 33.62 4.60 12.03
C LEU C 12 33.38 3.14 12.42
N SER C 13 34.19 2.21 11.89
CA SER C 13 33.99 0.80 12.23
C SER C 13 34.76 0.50 13.49
N LEU C 14 34.03 0.40 14.61
CA LEU C 14 34.63 0.15 15.91
C LEU C 14 34.02 -1.09 16.56
N SER C 15 34.55 -1.48 17.70
CA SER C 15 34.05 -2.64 18.43
C SER C 15 33.53 -2.30 19.82
N PRO C 16 32.52 -3.04 20.27
CA PRO C 16 31.98 -2.80 21.60
C PRO C 16 33.11 -2.65 22.58
N GLY C 17 33.13 -1.53 23.30
CA GLY C 17 34.18 -1.36 24.29
C GLY C 17 35.21 -0.31 23.96
N GLU C 18 35.60 -0.20 22.70
CA GLU C 18 36.59 0.82 22.38
C GLU C 18 36.00 2.22 22.35
N ARG C 19 36.88 3.20 22.24
CA ARG C 19 36.49 4.60 22.23
C ARG C 19 36.14 5.10 20.83
N ALA C 20 35.02 5.82 20.73
CA ALA C 20 34.60 6.41 19.47
C ALA C 20 34.81 7.89 19.63
N THR C 21 35.24 8.53 18.55
CA THR C 21 35.50 9.96 18.58
C THR C 21 34.94 10.59 17.31
N LEU C 22 33.74 11.15 17.38
CA LEU C 22 33.14 11.76 16.20
C LEU C 22 33.64 13.19 16.05
N SER C 23 33.42 13.78 14.88
CA SER C 23 33.85 15.16 14.62
C SER C 23 32.94 15.97 13.72
N CYS C 24 32.76 17.25 14.05
CA CYS C 24 31.95 18.18 13.26
C CYS C 24 32.73 19.47 13.04
N ARG C 25 32.99 19.77 11.77
CA ARG C 25 33.70 20.99 11.40
C ARG C 25 32.54 21.82 10.88
N ALA C 26 32.51 23.11 11.23
CA ALA C 26 31.46 24.02 10.79
C ALA C 26 32.05 24.99 9.76
N SER C 27 31.31 25.26 8.69
CA SER C 27 31.80 26.17 7.67
C SER C 27 32.14 27.51 8.31
N GLN C 28 31.33 27.91 9.28
CA GLN C 28 31.54 29.17 9.96
C GLN C 28 31.30 29.09 11.47
N SER C 29 31.98 29.96 12.20
CA SER C 29 31.86 30.03 13.64
C SER C 29 30.41 29.98 14.06
N VAL C 30 30.11 29.23 15.10
CA VAL C 30 28.74 29.11 15.57
C VAL C 30 28.64 28.96 17.07
N SER C 31 29.61 29.54 17.78
CA SER C 31 29.63 29.50 19.24
C SER C 31 29.62 28.07 19.79
N SER C 32 28.66 27.81 20.68
CA SER C 32 28.51 26.51 21.32
C SER C 32 27.12 26.00 21.01
N TYR C 33 26.52 26.58 19.98
CA TYR C 33 25.18 26.20 19.56
C TYR C 33 25.16 24.95 18.68
N LEU C 34 25.88 23.89 19.11
CA LEU C 34 25.93 22.64 18.38
C LEU C 34 25.36 21.45 19.16
N ALA C 35 24.42 20.73 18.54
CA ALA C 35 23.78 19.57 19.18
C ALA C 35 24.06 18.27 18.42
N TRP C 36 23.99 17.14 19.13
CA TRP C 36 24.22 15.83 18.54
C TRP C 36 22.95 15.00 18.57
N TYR C 37 22.85 14.03 17.67
CA TYR C 37 21.67 13.19 17.59
C TYR C 37 22.08 11.78 17.23
N GLN C 38 21.54 10.80 17.95
CA GLN C 38 21.82 9.41 17.65
C GLN C 38 20.56 8.82 17.00
N GLN C 39 20.70 8.21 15.83
CA GLN C 39 19.52 7.61 15.23
C GLN C 39 19.79 6.13 14.87
N LYS C 40 19.14 5.24 15.60
CA LYS C 40 19.30 3.82 15.34
C LYS C 40 18.47 3.50 14.11
N PRO C 41 18.57 2.26 13.60
CA PRO C 41 17.82 1.81 12.41
C PRO C 41 16.40 1.36 12.68
N GLY C 42 15.39 2.20 12.37
CA GLY C 42 14.02 1.78 12.61
C GLY C 42 13.12 2.94 13.02
N GLN C 43 13.23 3.35 14.28
CA GLN C 43 12.41 4.44 14.77
C GLN C 43 13.25 5.68 14.81
N ALA C 44 12.59 6.82 14.99
CA ALA C 44 13.22 8.15 15.02
C ALA C 44 14.51 8.35 15.78
N PRO C 45 15.23 9.44 15.46
CA PRO C 45 16.48 9.82 16.10
C PRO C 45 16.20 10.32 17.51
N ARG C 46 17.26 10.41 18.32
CA ARG C 46 17.15 10.88 19.69
C ARG C 46 18.20 11.95 20.00
N LEU C 47 17.78 12.95 20.77
CA LEU C 47 18.67 14.04 21.15
C LEU C 47 19.62 13.66 22.27
N LEU C 48 20.91 13.60 21.96
CA LEU C 48 21.92 13.27 22.94
C LEU C 48 22.41 14.55 23.61
N ILE C 49 23.30 15.23 22.89
CA ILE C 49 23.94 16.45 23.36
C ILE C 49 23.31 17.71 22.80
N TYR C 50 23.18 18.72 23.67
CA TYR C 50 22.66 20.00 23.23
C TYR C 50 23.60 21.06 23.74
N ASP C 51 23.82 22.07 22.93
CA ASP C 51 24.73 23.14 23.30
C ASP C 51 26.11 22.58 23.59
N ALA C 52 26.58 21.76 22.66
CA ALA C 52 27.90 21.15 22.72
C ALA C 52 28.26 20.23 23.89
N SER C 53 28.23 20.78 25.10
CA SER C 53 28.61 20.05 26.31
C SER C 53 27.48 19.49 27.18
N ASN C 54 26.23 19.69 26.81
CA ASN C 54 25.14 19.22 27.64
C ASN C 54 24.43 17.93 27.27
N ARG C 55 24.55 16.94 28.15
CA ARG C 55 23.90 15.66 27.93
C ARG C 55 22.44 16.04 28.11
N ALA C 56 21.53 15.34 27.45
CA ALA C 56 20.11 15.64 27.56
C ALA C 56 19.46 14.76 28.63
N THR C 57 18.18 14.46 28.48
CA THR C 57 17.49 13.62 29.45
C THR C 57 18.24 12.30 29.52
N GLY C 58 17.67 11.34 30.24
CA GLY C 58 18.29 10.03 30.41
C GLY C 58 19.34 9.55 29.40
N ILE C 59 20.41 10.33 29.26
CA ILE C 59 21.52 10.02 28.36
C ILE C 59 22.70 9.67 29.25
N PRO C 60 23.19 8.43 29.17
CA PRO C 60 24.31 7.99 29.98
C PRO C 60 25.51 8.95 30.00
N ALA C 61 26.47 8.67 30.88
CA ALA C 61 27.64 9.51 31.02
C ALA C 61 28.77 9.28 30.02
N ARG C 62 28.78 8.13 29.34
CA ARG C 62 29.84 7.86 28.37
C ARG C 62 29.86 8.92 27.27
N PHE C 63 28.68 9.41 26.93
CA PHE C 63 28.51 10.43 25.90
C PHE C 63 29.03 11.79 26.37
N SER C 64 30.22 12.15 25.91
CA SER C 64 30.82 13.43 26.26
C SER C 64 30.65 14.36 25.06
N GLY C 65 30.63 15.67 25.32
CA GLY C 65 30.48 16.63 24.24
C GLY C 65 31.38 17.84 24.43
N SER C 66 32.27 18.07 23.46
CA SER C 66 33.20 19.20 23.48
C SER C 66 32.78 20.12 22.33
N GLY C 67 33.13 21.40 22.40
CA GLY C 67 32.76 22.29 21.32
C GLY C 67 32.67 23.79 21.56
N SER C 68 33.41 24.54 20.75
CA SER C 68 33.46 25.98 20.86
C SER C 68 33.85 26.59 19.51
N GLY C 69 32.88 26.99 18.70
CA GLY C 69 33.22 27.61 17.43
C GLY C 69 33.05 26.75 16.19
N THR C 70 34.16 26.53 15.49
CA THR C 70 34.17 25.72 14.28
C THR C 70 34.24 24.22 14.48
N ASP C 71 35.15 23.77 15.34
CA ASP C 71 35.32 22.35 15.59
C ASP C 71 34.58 21.83 16.81
N PHE C 72 34.04 20.62 16.67
CA PHE C 72 33.27 19.94 17.70
C PHE C 72 33.65 18.46 17.76
N THR C 73 33.57 17.87 18.94
CA THR C 73 33.96 16.47 19.07
C THR C 73 33.18 15.62 20.05
N LEU C 74 32.17 14.91 19.56
CA LEU C 74 31.39 14.03 20.40
C LEU C 74 32.26 12.81 20.73
N THR C 75 32.33 12.44 22.00
CA THR C 75 33.11 11.27 22.38
C THR C 75 32.27 10.26 23.14
N ILE C 76 32.39 9.00 22.75
CA ILE C 76 31.68 7.91 23.41
C ILE C 76 32.75 7.02 24.04
N SER C 77 33.10 7.31 25.28
CA SER C 77 34.14 6.59 26.02
C SER C 77 34.18 5.05 25.94
N SER C 78 33.00 4.44 25.91
CA SER C 78 32.92 2.99 25.84
C SER C 78 31.71 2.47 25.07
N LEU C 79 31.92 2.23 23.78
CA LEU C 79 30.88 1.73 22.90
C LEU C 79 30.14 0.48 23.37
N GLU C 80 28.84 0.65 23.59
CA GLU C 80 27.94 -0.43 24.01
C GLU C 80 27.18 -0.92 22.78
N PRO C 81 26.67 -2.15 22.81
CA PRO C 81 25.94 -2.61 21.63
C PRO C 81 24.95 -1.57 21.10
N GLU C 82 24.17 -0.95 21.98
CA GLU C 82 23.17 0.05 21.59
C GLU C 82 23.81 1.43 21.52
N ASP C 83 24.98 1.46 20.90
CA ASP C 83 25.73 2.68 20.73
C ASP C 83 26.17 2.68 19.28
N PHE C 84 25.56 1.78 18.51
CA PHE C 84 25.87 1.64 17.11
C PHE C 84 24.71 2.17 16.29
N ALA C 85 24.91 3.34 15.70
CA ALA C 85 23.89 3.98 14.88
C ALA C 85 24.50 5.18 14.19
N VAL C 86 23.67 6.03 13.61
CA VAL C 86 24.19 7.21 12.94
C VAL C 86 24.06 8.46 13.84
N TYR C 87 25.16 9.17 14.03
CA TYR C 87 25.24 10.39 14.83
C TYR C 87 25.35 11.65 13.95
N TYR C 88 24.41 12.57 14.13
CA TYR C 88 24.34 13.81 13.35
C TYR C 88 24.52 15.04 14.22
N CYS C 89 25.26 16.04 13.76
CA CYS C 89 25.34 17.29 14.51
C CYS C 89 24.47 18.29 13.80
N GLN C 90 24.02 19.29 14.55
CA GLN C 90 23.11 20.30 14.02
C GLN C 90 23.38 21.61 14.76
N GLN C 91 23.69 22.65 14.01
CA GLN C 91 23.97 23.95 14.60
C GLN C 91 22.72 24.81 14.67
N ARG C 92 22.75 25.84 15.52
CA ARG C 92 21.60 26.72 15.64
C ARG C 92 21.90 28.18 15.89
N SER C 93 23.06 28.63 15.42
CA SER C 93 23.45 30.02 15.61
C SER C 93 22.82 30.87 14.48
N ASN C 94 22.99 30.42 13.24
CA ASN C 94 22.43 31.12 12.08
C ASN C 94 21.18 30.33 11.66
N TRP C 95 20.00 30.69 12.19
CA TRP C 95 18.73 29.98 11.88
C TRP C 95 17.77 31.01 11.30
N PRO C 96 17.04 30.67 10.21
CA PRO C 96 17.00 29.42 9.43
C PRO C 96 17.83 29.45 8.13
N PRO C 97 18.02 28.27 7.52
CA PRO C 97 17.49 26.99 7.97
C PRO C 97 18.42 26.30 8.98
N TRP C 98 17.85 25.59 9.95
CA TRP C 98 18.68 24.89 10.91
C TRP C 98 19.43 23.93 9.97
N THR C 99 20.76 23.85 10.04
CA THR C 99 21.44 22.95 9.13
C THR C 99 21.67 21.65 9.86
N PHE C 100 22.23 20.67 9.18
CA PHE C 100 22.48 19.37 9.78
C PHE C 100 23.76 18.76 9.29
N GLY C 101 24.33 17.88 10.10
CA GLY C 101 25.53 17.21 9.68
C GLY C 101 25.11 16.34 8.52
N GLN C 102 26.00 15.47 8.08
CA GLN C 102 25.69 14.60 6.96
C GLN C 102 25.54 13.21 7.55
N GLY C 103 26.11 13.04 8.74
CA GLY C 103 26.04 11.77 9.42
C GLY C 103 27.43 11.25 9.71
N THR C 104 27.48 10.11 10.40
CA THR C 104 28.74 9.46 10.75
C THR C 104 28.38 8.07 11.23
N LYS C 105 28.03 7.20 10.30
CA LYS C 105 27.67 5.85 10.71
C LYS C 105 28.83 5.25 11.49
N VAL C 106 28.54 4.83 12.72
CA VAL C 106 29.51 4.21 13.60
C VAL C 106 29.15 2.73 13.60
N GLU C 107 29.84 1.97 12.76
CA GLU C 107 29.53 0.56 12.65
C GLU C 107 30.29 -0.45 13.51
N ILE C 108 29.75 -1.67 13.50
CA ILE C 108 30.25 -2.75 14.33
C ILE C 108 31.32 -3.71 13.78
N LYS C 109 31.02 -4.37 12.67
CA LYS C 109 31.93 -5.36 12.06
C LYS C 109 32.21 -6.53 13.02
N THR C 111 41.09 -4.34 4.69
CA THR C 111 42.45 -3.89 4.51
C THR C 111 42.71 -3.59 3.03
N VAL C 112 43.87 -3.99 2.53
CA VAL C 112 44.17 -3.74 1.09
C VAL C 112 43.98 -4.99 0.22
N ALA C 113 42.79 -5.11 -0.37
CA ALA C 113 42.54 -6.22 -1.26
C ALA C 113 42.16 -5.51 -2.56
N ALA C 114 42.46 -6.12 -3.69
CA ALA C 114 42.11 -5.55 -4.96
C ALA C 114 40.73 -6.15 -5.28
N PRO C 115 39.90 -5.41 -6.01
CA PRO C 115 38.60 -6.02 -6.28
C PRO C 115 38.78 -7.21 -7.21
N SER C 116 38.08 -8.31 -6.93
CA SER C 116 38.12 -9.46 -7.84
C SER C 116 37.14 -8.99 -8.91
N VAL C 117 37.59 -8.84 -10.16
CA VAL C 117 36.68 -8.34 -11.21
C VAL C 117 35.97 -9.40 -12.04
N PHE C 118 34.66 -9.23 -12.15
CA PHE C 118 33.80 -10.12 -12.91
C PHE C 118 33.01 -9.34 -13.95
N ILE C 119 32.53 -10.05 -14.97
CA ILE C 119 31.78 -9.41 -16.04
C ILE C 119 30.65 -10.34 -16.45
N PHE C 120 29.43 -9.83 -16.42
CA PHE C 120 28.28 -10.61 -16.81
C PHE C 120 27.64 -9.85 -17.94
N PRO C 121 27.37 -10.53 -19.05
CA PRO C 121 26.74 -9.92 -20.22
C PRO C 121 25.24 -9.74 -19.96
N PRO C 122 24.49 -9.12 -20.88
CA PRO C 122 23.06 -8.99 -20.61
C PRO C 122 22.58 -10.43 -20.65
N SER C 123 21.49 -10.76 -19.97
CA SER C 123 21.04 -12.16 -20.02
C SER C 123 20.67 -12.39 -21.49
N ASP C 124 19.52 -12.98 -21.74
CA ASP C 124 19.08 -13.21 -23.12
C ASP C 124 17.58 -13.00 -23.21
N GLU C 125 16.85 -13.48 -22.20
CA GLU C 125 15.41 -13.32 -22.18
C GLU C 125 15.19 -11.81 -22.00
N GLN C 126 16.29 -11.09 -21.84
CA GLN C 126 16.24 -9.64 -21.68
C GLN C 126 16.43 -9.04 -23.05
N LEU C 127 17.39 -9.58 -23.80
CA LEU C 127 17.64 -9.10 -25.16
C LEU C 127 16.37 -9.21 -25.99
N LYS C 128 15.30 -9.67 -25.34
CA LYS C 128 14.00 -9.81 -25.97
C LYS C 128 13.23 -8.55 -25.69
N SER C 129 13.23 -8.12 -24.42
CA SER C 129 12.51 -6.91 -24.04
C SER C 129 13.06 -5.69 -24.78
N GLY C 130 14.18 -5.88 -25.47
CA GLY C 130 14.74 -4.79 -26.25
C GLY C 130 15.78 -3.93 -25.56
N THR C 131 16.27 -4.37 -24.40
CA THR C 131 17.31 -3.60 -23.73
C THR C 131 18.32 -4.52 -23.12
N ALA C 132 19.55 -4.03 -23.03
CA ALA C 132 20.68 -4.78 -22.49
C ALA C 132 21.04 -4.35 -21.07
N SER C 133 21.73 -5.24 -20.38
CA SER C 133 22.16 -5.00 -19.01
C SER C 133 23.48 -5.70 -18.78
N VAL C 134 24.58 -4.95 -18.88
CA VAL C 134 25.91 -5.53 -18.66
C VAL C 134 26.31 -5.15 -17.22
N VAL C 135 26.44 -6.15 -16.35
CA VAL C 135 26.82 -5.83 -14.99
C VAL C 135 28.27 -6.08 -14.80
N CYS C 136 28.88 -5.26 -13.96
CA CYS C 136 30.29 -5.42 -13.67
C CYS C 136 30.46 -5.41 -12.16
N LEU C 137 30.83 -6.57 -11.63
CA LEU C 137 31.05 -6.75 -10.22
C LEU C 137 32.52 -6.57 -9.82
N LEU C 138 32.72 -5.75 -8.80
CA LEU C 138 34.03 -5.50 -8.21
C LEU C 138 33.75 -6.07 -6.81
N ASN C 139 34.34 -7.22 -6.51
CA ASN C 139 34.07 -7.88 -5.24
C ASN C 139 35.18 -7.91 -4.19
N ASN C 140 34.83 -7.49 -2.97
CA ASN C 140 35.74 -7.46 -1.82
C ASN C 140 36.98 -6.57 -1.93
N PHE C 141 36.80 -5.26 -1.76
CA PHE C 141 37.96 -4.39 -1.82
C PHE C 141 37.95 -3.24 -0.79
N TYR C 142 39.15 -2.80 -0.43
CA TYR C 142 39.32 -1.68 0.46
C TYR C 142 40.52 -0.98 -0.13
N PRO C 143 40.51 0.37 -0.17
CA PRO C 143 39.50 1.33 0.29
C PRO C 143 38.17 1.27 -0.46
N ARG C 144 37.15 1.90 0.13
CA ARG C 144 35.82 1.89 -0.46
C ARG C 144 35.66 2.43 -1.85
N GLU C 145 36.60 3.22 -2.35
CA GLU C 145 36.33 3.76 -3.66
C GLU C 145 37.22 3.48 -4.85
N ALA C 146 36.59 2.88 -5.87
CA ALA C 146 37.23 2.51 -7.13
C ALA C 146 36.66 3.30 -8.29
N LYS C 147 37.25 3.14 -9.47
CA LYS C 147 36.79 3.84 -10.68
C LYS C 147 36.30 2.78 -11.66
N VAL C 148 35.13 3.02 -12.25
CA VAL C 148 34.56 2.08 -13.20
C VAL C 148 34.37 2.69 -14.61
N GLN C 149 35.17 2.21 -15.56
CA GLN C 149 35.14 2.71 -16.94
C GLN C 149 34.66 1.70 -18.00
N TRP C 150 33.47 1.94 -18.55
CA TRP C 150 32.95 1.05 -19.58
C TRP C 150 33.50 1.39 -20.96
N LYS C 151 34.03 0.37 -21.65
CA LYS C 151 34.60 0.56 -22.99
C LYS C 151 33.95 -0.44 -23.95
N VAL C 152 33.14 0.07 -24.87
CA VAL C 152 32.42 -0.75 -25.85
C VAL C 152 33.13 -0.64 -27.21
N ASP C 153 33.49 -1.77 -27.80
CA ASP C 153 34.22 -1.76 -29.06
C ASP C 153 35.35 -0.77 -28.78
N ASN C 154 35.95 -0.92 -27.61
CA ASN C 154 37.04 -0.07 -27.14
C ASN C 154 36.66 1.40 -27.03
N ALA C 155 35.49 1.78 -27.53
CA ALA C 155 35.07 3.17 -27.43
C ALA C 155 34.66 3.45 -25.98
N LEU C 156 35.13 4.56 -25.42
CA LEU C 156 34.80 4.93 -24.06
C LEU C 156 33.34 5.36 -23.97
N GLN C 157 32.62 4.74 -23.04
CA GLN C 157 31.22 5.07 -22.82
C GLN C 157 31.08 6.05 -21.66
N SER C 158 29.94 6.73 -21.59
CA SER C 158 29.69 7.69 -20.52
C SER C 158 28.27 8.23 -20.65
N GLY C 159 27.57 8.30 -19.53
CA GLY C 159 26.20 8.79 -19.57
C GLY C 159 25.15 7.69 -19.48
N ASN C 160 25.57 6.44 -19.66
CA ASN C 160 24.62 5.33 -19.59
C ASN C 160 24.86 4.30 -18.49
N SER C 161 25.72 4.63 -17.53
CA SER C 161 26.01 3.70 -16.42
C SER C 161 25.56 4.22 -15.04
N GLN C 162 25.28 3.28 -14.14
CA GLN C 162 24.85 3.58 -12.79
C GLN C 162 25.61 2.68 -11.81
N GLU C 163 25.86 3.16 -10.60
CA GLU C 163 26.59 2.39 -9.58
C GLU C 163 25.84 2.16 -8.26
N SER C 164 26.44 1.30 -7.44
CA SER C 164 25.92 0.93 -6.14
C SER C 164 27.04 0.22 -5.36
N VAL C 165 27.29 0.65 -4.13
CA VAL C 165 28.32 0.02 -3.29
C VAL C 165 27.60 -0.66 -2.16
N THR C 166 28.09 -1.83 -1.75
CA THR C 166 27.46 -2.59 -0.68
C THR C 166 27.41 -1.85 0.64
N GLU C 167 28.37 -2.18 1.50
CA GLU C 167 28.48 -1.60 2.84
C GLU C 167 29.66 -2.25 3.53
N GLN C 168 30.57 -1.44 4.06
CA GLN C 168 31.75 -1.97 4.75
C GLN C 168 31.32 -3.23 5.47
N ASP C 169 31.87 -4.36 5.03
CA ASP C 169 31.49 -5.65 5.57
C ASP C 169 31.09 -5.73 7.04
N SER C 170 31.95 -6.36 7.83
CA SER C 170 31.73 -6.56 9.25
C SER C 170 32.53 -7.78 9.67
N LYS C 171 33.66 -7.94 8.99
CA LYS C 171 34.61 -9.02 9.18
C LYS C 171 35.73 -8.68 8.21
N ASP C 172 35.33 -8.53 6.95
CA ASP C 172 36.23 -8.21 5.84
C ASP C 172 36.86 -6.85 5.98
N SER C 173 35.99 -5.84 6.04
CA SER C 173 36.38 -4.43 6.09
C SER C 173 36.39 -4.01 4.62
N THR C 174 35.76 -4.83 3.80
CA THR C 174 35.72 -4.61 2.36
C THR C 174 34.34 -4.25 1.83
N TYR C 175 34.35 -3.69 0.63
CA TYR C 175 33.17 -3.25 -0.08
C TYR C 175 33.05 -4.01 -1.41
N SER C 176 31.86 -4.04 -1.98
CA SER C 176 31.59 -4.69 -3.27
C SER C 176 30.84 -3.68 -4.12
N LEU C 177 30.97 -3.75 -5.44
CA LEU C 177 30.28 -2.78 -6.27
C LEU C 177 29.63 -3.31 -7.54
N SER C 178 28.41 -2.87 -7.78
CA SER C 178 27.69 -3.25 -8.98
C SER C 178 27.51 -2.04 -9.89
N SER C 179 27.87 -2.20 -11.15
CA SER C 179 27.75 -1.13 -12.13
C SER C 179 27.00 -1.66 -13.36
N THR C 180 25.85 -1.04 -13.67
CA THR C 180 25.06 -1.47 -14.81
C THR C 180 25.11 -0.47 -15.96
N LEU C 181 25.59 -0.95 -17.11
CA LEU C 181 25.69 -0.17 -18.34
C LEU C 181 24.39 -0.52 -19.01
N THR C 182 23.60 0.48 -19.38
CA THR C 182 22.31 0.18 -20.00
C THR C 182 22.12 0.77 -21.39
N LEU C 183 22.42 -0.03 -22.40
CA LEU C 183 22.26 0.40 -23.78
C LEU C 183 20.99 -0.30 -24.28
N SER C 184 20.45 0.15 -25.41
CA SER C 184 19.24 -0.46 -25.96
C SER C 184 19.60 -1.73 -26.71
N LYS C 185 18.58 -2.51 -27.09
CA LYS C 185 18.83 -3.74 -27.84
C LYS C 185 19.50 -3.35 -29.14
N ALA C 186 19.08 -2.19 -29.67
CA ALA C 186 19.59 -1.66 -30.92
C ALA C 186 21.12 -1.56 -30.96
N ASP C 187 21.66 -0.66 -30.15
CA ASP C 187 23.10 -0.42 -30.11
C ASP C 187 23.90 -1.59 -29.56
N TYR C 188 23.33 -2.35 -28.62
CA TYR C 188 24.04 -3.50 -28.06
C TYR C 188 24.28 -4.48 -29.18
N GLU C 189 23.26 -4.63 -30.01
CA GLU C 189 23.34 -5.48 -31.20
C GLU C 189 23.86 -4.52 -32.28
N LYS C 190 25.16 -4.22 -32.17
CA LYS C 190 25.83 -3.32 -33.10
C LYS C 190 27.35 -3.25 -32.94
N HIS C 191 27.85 -3.59 -31.76
CA HIS C 191 29.30 -3.60 -31.50
C HIS C 191 29.67 -5.01 -31.06
N LYS C 192 30.91 -5.22 -30.66
CA LYS C 192 31.28 -6.58 -30.25
C LYS C 192 32.00 -6.70 -28.90
N VAL C 193 32.89 -5.77 -28.60
CA VAL C 193 33.61 -5.81 -27.33
C VAL C 193 33.04 -4.89 -26.27
N TYR C 194 32.63 -5.51 -25.17
CA TYR C 194 32.09 -4.78 -24.03
C TYR C 194 33.13 -4.94 -22.94
N ALA C 195 33.68 -3.82 -22.46
CA ALA C 195 34.72 -3.89 -21.46
C ALA C 195 34.46 -3.04 -20.25
N CYS C 196 34.89 -3.55 -19.10
CA CYS C 196 34.74 -2.87 -17.82
C CYS C 196 36.11 -2.61 -17.23
N GLU C 197 36.53 -1.34 -17.23
CA GLU C 197 37.84 -0.94 -16.70
C GLU C 197 37.76 -0.45 -15.25
N VAL C 198 38.37 -1.22 -14.36
CA VAL C 198 38.42 -0.92 -12.93
C VAL C 198 39.76 -0.33 -12.52
N THR C 199 39.69 0.71 -11.70
CA THR C 199 40.89 1.36 -11.20
C THR C 199 40.77 1.43 -9.68
N HIS C 200 41.81 0.98 -8.99
CA HIS C 200 41.83 0.96 -7.54
C HIS C 200 43.27 1.21 -7.06
N GLN C 201 43.57 0.86 -5.82
CA GLN C 201 44.90 1.04 -5.26
C GLN C 201 45.55 -0.32 -5.04
N GLY C 202 44.72 -1.33 -4.77
CA GLY C 202 45.24 -2.67 -4.58
C GLY C 202 45.77 -3.12 -5.92
N LEU C 203 45.15 -2.59 -6.96
CA LEU C 203 45.58 -2.88 -8.32
C LEU C 203 46.67 -1.84 -8.52
N SER C 204 47.47 -2.02 -9.56
CA SER C 204 48.55 -1.09 -9.83
C SER C 204 48.80 -1.21 -11.29
N SER C 205 47.72 -1.56 -11.96
CA SER C 205 47.66 -1.74 -13.38
C SER C 205 46.14 -1.76 -13.52
N PRO C 206 45.51 -0.64 -13.98
CA PRO C 206 44.06 -0.74 -14.08
C PRO C 206 43.71 -2.08 -14.76
N VAL C 207 42.72 -2.79 -14.20
CA VAL C 207 42.34 -4.08 -14.74
C VAL C 207 41.12 -4.04 -15.64
N THR C 208 41.06 -5.00 -16.55
CA THR C 208 39.92 -5.11 -17.46
C THR C 208 39.41 -6.55 -17.52
N LYS C 209 38.12 -6.67 -17.80
CA LYS C 209 37.45 -7.95 -17.95
C LYS C 209 36.31 -7.65 -18.90
N SER C 210 36.14 -8.50 -19.91
CA SER C 210 35.10 -8.27 -20.88
C SER C 210 34.75 -9.48 -21.71
N PHE C 211 33.95 -9.23 -22.75
CA PHE C 211 33.54 -10.27 -23.67
C PHE C 211 33.14 -9.68 -25.01
N ASN C 212 32.84 -10.58 -25.95
CA ASN C 212 32.42 -10.23 -27.30
C ASN C 212 30.98 -10.68 -27.35
N ARG C 213 30.14 -9.90 -28.04
CA ARG C 213 28.72 -10.20 -28.10
C ARG C 213 28.34 -11.36 -29.05
N GLY C 214 27.42 -12.20 -28.60
CA GLY C 214 26.97 -13.32 -29.42
C GLY C 214 27.80 -14.59 -29.38
N GLU C 215 29.07 -14.46 -28.98
CA GLU C 215 30.01 -15.58 -28.97
C GLU C 215 29.83 -16.57 -27.80
N GLN D 1 6.24 8.93 27.89
CA GLN D 1 5.27 10.01 28.24
C GLN D 1 4.93 10.80 26.99
N VAL D 2 5.95 11.45 26.44
CA VAL D 2 5.78 12.22 25.22
C VAL D 2 5.71 11.22 24.10
N GLN D 3 4.87 11.49 23.11
CA GLN D 3 4.72 10.59 21.98
C GLN D 3 4.33 11.36 20.74
N LEU D 4 5.20 11.32 19.74
CA LEU D 4 4.92 12.00 18.50
C LEU D 4 4.70 10.90 17.47
N VAL D 5 3.45 10.79 17.03
CA VAL D 5 3.08 9.79 16.04
C VAL D 5 2.82 10.43 14.68
N GLU D 6 3.31 9.80 13.62
CA GLU D 6 3.13 10.32 12.28
C GLU D 6 2.15 9.53 11.42
N SER D 7 1.29 10.27 10.70
CA SER D 7 0.28 9.67 9.86
C SER D 7 0.11 10.45 8.57
N GLY D 8 -0.30 9.76 7.50
CA GLY D 8 -0.52 10.44 6.23
C GLY D 8 0.30 9.95 5.04
N GLY D 9 1.62 10.02 5.14
CA GLY D 9 2.47 9.64 4.02
C GLY D 9 2.18 8.35 3.25
N GLY D 10 2.46 8.38 1.95
CA GLY D 10 2.26 7.23 1.08
C GLY D 10 2.99 7.46 -0.22
N VAL D 11 2.53 6.78 -1.26
CA VAL D 11 3.10 6.92 -2.61
C VAL D 11 2.14 7.76 -3.43
N VAL D 12 2.64 8.86 -3.97
CA VAL D 12 1.79 9.71 -4.78
C VAL D 12 2.57 10.09 -6.02
N GLN D 13 1.91 10.67 -7.01
CA GLN D 13 2.61 11.04 -8.23
C GLN D 13 3.13 12.46 -8.21
N PRO D 14 4.19 12.74 -8.99
CA PRO D 14 4.74 14.11 -9.00
C PRO D 14 3.66 15.11 -9.39
N GLY D 15 3.68 16.26 -8.71
CA GLY D 15 2.71 17.30 -9.00
C GLY D 15 1.41 17.10 -8.28
N ARG D 16 1.43 16.29 -7.23
CA ARG D 16 0.24 16.02 -6.43
C ARG D 16 0.33 16.62 -5.03
N SER D 17 -0.67 16.34 -4.20
CA SER D 17 -0.70 16.83 -2.82
C SER D 17 -0.78 15.73 -1.77
N LEU D 18 -0.39 16.07 -0.55
CA LEU D 18 -0.45 15.14 0.56
C LEU D 18 -0.46 15.88 1.88
N ARG D 19 -1.32 15.43 2.80
CA ARG D 19 -1.41 16.04 4.12
C ARG D 19 -0.80 15.07 5.13
N LEU D 20 0.12 15.58 5.95
CA LEU D 20 0.76 14.78 6.97
C LEU D 20 0.14 15.12 8.29
N SER D 21 0.37 14.27 9.28
CA SER D 21 -0.22 14.50 10.58
C SER D 21 0.66 14.02 11.73
N CYS D 22 0.68 14.78 12.82
CA CYS D 22 1.50 14.46 13.98
C CYS D 22 0.66 14.47 15.25
N ALA D 23 0.32 13.29 15.75
CA ALA D 23 -0.45 13.21 16.98
C ALA D 23 0.55 13.33 18.13
N ALA D 24 0.35 14.32 18.99
CA ALA D 24 1.25 14.57 20.12
C ALA D 24 0.64 14.26 21.49
N SER D 25 1.24 13.32 22.20
CA SER D 25 0.77 12.93 23.52
C SER D 25 1.82 13.25 24.59
N GLY D 26 1.43 13.06 25.85
CA GLY D 26 2.32 13.25 26.99
C GLY D 26 3.08 14.54 27.26
N PHE D 27 2.56 15.67 26.81
CA PHE D 27 3.25 16.93 27.09
C PHE D 27 2.30 18.04 26.69
N THR D 28 2.54 19.25 27.18
CA THR D 28 1.62 20.33 26.84
C THR D 28 1.91 20.94 25.46
N PHE D 29 1.57 20.16 24.43
CA PHE D 29 1.67 20.54 23.02
C PHE D 29 1.71 22.07 23.03
N SER D 30 0.61 22.66 23.47
CA SER D 30 0.42 24.11 23.54
C SER D 30 1.64 24.98 23.85
N SER D 31 2.67 24.41 24.48
CA SER D 31 3.83 25.22 24.85
C SER D 31 5.16 25.15 24.09
N TYR D 32 5.36 24.15 23.23
CA TYR D 32 6.65 24.09 22.52
C TYR D 32 6.54 24.18 21.00
N GLY D 33 7.29 25.07 20.36
CA GLY D 33 7.19 25.13 18.92
C GLY D 33 7.47 23.74 18.35
N MET D 34 7.02 23.45 17.13
CA MET D 34 7.29 22.14 16.57
C MET D 34 7.81 22.15 15.14
N HIS D 35 8.54 21.10 14.78
CA HIS D 35 9.13 21.04 13.46
C HIS D 35 8.75 19.85 12.62
N TRP D 36 9.30 19.89 11.42
CA TRP D 36 9.19 18.88 10.41
C TRP D 36 10.60 18.81 9.83
N VAL D 37 11.19 17.63 9.84
CA VAL D 37 12.50 17.43 9.29
C VAL D 37 12.31 16.17 8.48
N ARG D 38 13.02 16.07 7.37
CA ARG D 38 12.89 14.90 6.52
C ARG D 38 14.22 14.24 6.25
N GLN D 39 14.15 13.00 5.76
CA GLN D 39 15.36 12.24 5.47
C GLN D 39 15.24 11.41 4.20
N ALA D 40 16.02 11.77 3.17
CA ALA D 40 16.01 11.06 1.89
C ALA D 40 16.74 9.74 2.08
N PRO D 41 16.73 8.85 1.08
CA PRO D 41 17.42 7.57 1.25
C PRO D 41 18.90 7.67 0.84
N GLY D 42 19.75 6.92 1.53
CA GLY D 42 21.18 6.94 1.24
C GLY D 42 21.76 8.31 1.52
N LYS D 43 20.92 9.19 2.06
CA LYS D 43 21.31 10.56 2.37
C LYS D 43 20.80 11.02 3.76
N GLY D 44 21.16 12.24 4.17
CA GLY D 44 20.77 12.77 5.47
C GLY D 44 19.46 13.46 5.83
N LEU D 45 19.48 14.17 6.96
CA LEU D 45 18.31 14.88 7.48
C LEU D 45 18.33 16.36 7.10
N GLU D 46 17.22 16.87 6.56
CA GLU D 46 17.16 18.28 6.22
C GLU D 46 15.89 18.82 6.85
N TRP D 47 15.95 20.08 7.28
CA TRP D 47 14.84 20.76 7.95
C TRP D 47 13.86 21.37 6.93
N VAL D 48 12.57 21.12 7.13
CA VAL D 48 11.52 21.60 6.23
C VAL D 48 10.70 22.82 6.71
N ALA D 49 10.14 22.75 7.91
CA ALA D 49 9.34 23.86 8.43
C ALA D 49 9.22 23.89 9.95
N VAL D 50 8.86 25.06 10.48
CA VAL D 50 8.68 25.23 11.93
C VAL D 50 7.50 26.15 12.23
N ILE D 51 6.84 25.87 13.35
CA ILE D 51 5.69 26.66 13.77
C ILE D 51 5.63 26.75 15.28
N SER D 52 5.52 27.96 15.82
CA SER D 52 5.44 28.16 17.26
C SER D 52 4.21 27.41 17.75
N TYR D 53 4.24 26.93 18.99
CA TYR D 53 3.09 26.20 19.48
C TYR D 53 1.95 26.99 20.10
N ASP D 54 2.03 28.31 20.08
CA ASP D 54 0.93 29.12 20.60
C ASP D 54 0.16 29.44 19.32
N GLY D 55 0.75 29.09 18.17
CA GLY D 55 0.06 29.29 16.89
C GLY D 55 0.41 30.19 15.71
N SER D 56 1.15 31.28 15.90
CA SER D 56 1.38 32.16 14.74
C SER D 56 2.77 32.39 14.13
N ASN D 57 3.55 31.32 14.03
CA ASN D 57 4.90 31.42 13.45
C ASN D 57 5.00 30.58 12.21
N LYS D 58 5.88 30.96 11.29
CA LYS D 58 6.06 30.18 10.07
C LYS D 58 7.34 30.42 9.31
N TYR D 59 8.28 29.49 9.39
CA TYR D 59 9.53 29.61 8.65
C TYR D 59 9.61 28.28 7.92
N TYR D 60 10.03 28.31 6.66
CA TYR D 60 10.13 27.11 5.82
C TYR D 60 11.47 27.02 5.15
N ALA D 61 11.88 25.83 4.77
CA ALA D 61 13.12 25.70 4.04
C ALA D 61 12.73 26.35 2.71
N ASP D 62 13.71 26.77 1.92
CA ASP D 62 13.40 27.38 0.65
C ASP D 62 12.97 26.35 -0.39
N SER D 63 13.37 25.10 -0.17
CA SER D 63 13.03 24.01 -1.08
C SER D 63 11.59 23.54 -0.94
N VAL D 64 10.80 24.23 -0.13
CA VAL D 64 9.40 23.87 0.02
C VAL D 64 8.54 25.14 -0.09
N LYS D 65 9.23 26.23 -0.37
CA LYS D 65 8.67 27.56 -0.53
C LYS D 65 7.40 27.57 -1.38
N GLY D 66 6.35 28.16 -0.83
CA GLY D 66 5.09 28.25 -1.55
C GLY D 66 4.39 26.95 -1.91
N ARG D 67 4.96 25.81 -1.50
CA ARG D 67 4.33 24.54 -1.78
C ARG D 67 3.81 23.87 -0.50
N PHE D 68 4.52 24.04 0.61
CA PHE D 68 4.13 23.43 1.89
C PHE D 68 3.63 24.47 2.90
N THR D 69 2.71 24.06 3.77
CA THR D 69 2.21 24.97 4.78
C THR D 69 2.14 24.16 6.07
N ILE D 70 2.87 24.60 7.08
CA ILE D 70 2.87 23.90 8.35
C ILE D 70 1.60 24.34 9.08
N SER D 71 0.96 23.44 9.81
CA SER D 71 -0.29 23.73 10.51
C SER D 71 -0.44 23.11 11.90
N ARG D 72 -1.34 23.65 12.71
CA ARG D 72 -1.54 23.17 14.06
C ARG D 72 -2.99 23.34 14.55
N ASP D 73 -3.37 22.49 15.51
CA ASP D 73 -4.71 22.51 16.10
C ASP D 73 -4.53 22.24 17.59
N ASN D 74 -3.96 23.21 18.31
CA ASN D 74 -3.74 23.03 19.73
C ASN D 74 -4.91 22.41 20.47
N SER D 75 -6.12 22.56 19.94
CA SER D 75 -7.27 21.98 20.61
C SER D 75 -7.37 20.48 20.33
N LYS D 76 -6.69 20.00 19.29
CA LYS D 76 -6.75 18.59 18.94
C LYS D 76 -5.44 17.81 18.98
N ASN D 77 -4.42 18.40 19.58
CA ASN D 77 -3.12 17.74 19.73
C ASN D 77 -2.45 17.20 18.48
N THR D 78 -2.71 17.80 17.32
CA THR D 78 -2.10 17.32 16.10
C THR D 78 -1.41 18.46 15.37
N LEU D 79 -0.35 18.10 14.63
CA LEU D 79 0.41 19.06 13.83
C LEU D 79 0.26 18.69 12.36
N TYR D 80 0.26 19.70 11.50
CA TYR D 80 0.10 19.45 10.08
C TYR D 80 1.21 19.96 9.17
N LEU D 81 1.28 19.39 7.97
CA LEU D 81 2.25 19.78 6.94
C LEU D 81 1.51 19.46 5.66
N GLN D 82 0.96 20.46 5.00
CA GLN D 82 0.25 20.23 3.77
C GLN D 82 1.24 20.33 2.60
N MET D 83 1.71 19.18 2.14
CA MET D 83 2.69 19.15 1.05
C MET D 83 1.91 19.21 -0.24
N ASN D 84 2.09 20.31 -0.98
CA ASN D 84 1.44 20.54 -2.28
C ASN D 84 2.43 20.57 -3.42
N SER D 85 1.93 20.43 -4.63
CA SER D 85 2.76 20.45 -5.83
C SER D 85 4.05 19.70 -5.57
N LEU D 86 3.91 18.43 -5.23
CA LEU D 86 5.04 17.57 -4.91
C LEU D 86 6.00 17.19 -6.05
N ARG D 87 7.29 17.34 -5.76
CA ARG D 87 8.31 16.99 -6.72
C ARG D 87 8.93 15.65 -6.25
N ALA D 88 9.93 15.15 -6.97
CA ALA D 88 10.62 13.92 -6.61
C ALA D 88 11.43 14.14 -5.33
N GLU D 89 12.36 15.10 -5.39
CA GLU D 89 13.22 15.44 -4.25
C GLU D 89 12.56 15.46 -2.86
N ASP D 90 11.23 15.55 -2.79
CA ASP D 90 10.53 15.55 -1.49
C ASP D 90 10.41 14.11 -1.00
N THR D 91 10.64 13.21 -1.94
CA THR D 91 10.55 11.78 -1.69
C THR D 91 11.47 11.57 -0.50
N ALA D 92 10.89 11.26 0.66
CA ALA D 92 11.65 11.04 1.89
C ALA D 92 10.78 10.66 3.07
N VAL D 93 11.42 10.31 4.18
CA VAL D 93 10.71 9.93 5.41
C VAL D 93 10.53 11.23 6.20
N TYR D 94 9.30 11.53 6.60
CA TYR D 94 9.04 12.77 7.35
C TYR D 94 8.83 12.49 8.83
N TYR D 95 9.51 13.28 9.66
CA TYR D 95 9.43 13.18 11.11
C TYR D 95 8.92 14.50 11.63
N CYS D 96 8.09 14.45 12.67
CA CYS D 96 7.67 15.68 13.30
C CYS D 96 8.45 15.76 14.58
N ALA D 97 8.98 16.95 14.87
CA ALA D 97 9.78 17.12 16.07
C ALA D 97 9.17 18.08 17.06
N LYS D 98 9.80 18.13 18.22
CA LYS D 98 9.39 18.95 19.34
C LYS D 98 10.41 20.03 19.60
N ASP D 99 10.08 21.30 19.39
CA ASP D 99 11.06 22.34 19.70
C ASP D 99 11.33 22.27 21.20
N GLY D 100 12.60 22.44 21.60
CA GLY D 100 12.98 22.39 23.00
C GLY D 100 12.27 23.45 23.85
N SER D 109 13.52 27.47 19.83
CA SER D 109 14.84 27.00 20.22
C SER D 109 15.69 26.60 19.02
N GLY D 110 15.26 25.51 18.35
CA GLY D 110 15.97 25.02 17.20
C GLY D 110 16.87 23.95 17.74
N LEU D 111 16.48 23.48 18.93
CA LEU D 111 17.23 22.47 19.66
C LEU D 111 16.54 21.12 19.83
N LEU D 112 15.65 20.82 18.88
CA LEU D 112 14.86 19.58 18.84
C LEU D 112 15.14 18.56 19.94
N ASP D 113 14.13 18.18 20.72
CA ASP D 113 14.40 17.23 21.79
C ASP D 113 13.62 15.92 21.70
N TYR D 114 12.49 15.96 21.02
CA TYR D 114 11.68 14.75 20.89
C TYR D 114 11.20 14.52 19.45
N TRP D 115 11.55 13.36 18.90
CA TRP D 115 11.18 13.02 17.52
C TRP D 115 10.29 11.79 17.52
N GLY D 116 9.43 11.66 16.50
CA GLY D 116 8.53 10.51 16.36
C GLY D 116 9.18 9.64 15.31
N GLN D 117 8.94 8.33 15.27
CA GLN D 117 9.66 7.51 14.28
C GLN D 117 9.51 7.86 12.81
N GLY D 118 8.36 8.34 12.35
CA GLY D 118 8.27 8.74 10.96
C GLY D 118 7.23 8.11 10.06
N THR D 119 6.96 8.77 8.95
CA THR D 119 6.02 8.30 7.96
C THR D 119 6.73 8.50 6.61
N LEU D 120 6.77 7.47 5.77
CA LEU D 120 7.48 7.63 4.51
C LEU D 120 6.59 8.25 3.46
N VAL D 121 7.21 9.09 2.63
CA VAL D 121 6.49 9.77 1.56
C VAL D 121 7.29 9.62 0.29
N THR D 122 6.85 8.68 -0.55
CA THR D 122 7.50 8.42 -1.81
C THR D 122 6.74 9.13 -2.93
N VAL D 123 7.49 9.82 -3.78
CA VAL D 123 6.93 10.55 -4.92
C VAL D 123 7.55 10.05 -6.21
N SER D 124 6.73 9.55 -7.13
CA SER D 124 7.22 9.04 -8.41
C SER D 124 6.11 9.05 -9.45
N SER D 125 6.49 8.96 -10.72
CA SER D 125 5.52 8.99 -11.79
C SER D 125 5.05 7.64 -12.32
N ALA D 126 5.88 6.60 -12.25
CA ALA D 126 5.45 5.30 -12.77
C ALA D 126 4.58 4.60 -11.76
N SER D 127 3.75 3.69 -12.27
CA SER D 127 2.81 2.94 -11.44
C SER D 127 3.50 1.79 -10.76
N PHE D 128 2.85 1.30 -9.71
CA PHE D 128 3.33 0.16 -8.97
C PHE D 128 3.63 -0.84 -10.06
N LYS D 129 4.61 -1.70 -9.80
CA LYS D 129 4.97 -2.68 -10.80
C LYS D 129 6.08 -3.61 -10.35
N GLY D 130 5.78 -4.91 -10.49
CA GLY D 130 6.69 -6.00 -10.18
C GLY D 130 7.89 -6.04 -11.11
N PRO D 131 8.99 -6.61 -10.65
CA PRO D 131 10.24 -6.72 -11.40
C PRO D 131 10.38 -7.88 -12.38
N SER D 132 11.35 -7.72 -13.28
CA SER D 132 11.70 -8.72 -14.28
C SER D 132 13.06 -9.22 -13.79
N VAL D 133 13.13 -10.50 -13.42
CA VAL D 133 14.39 -11.05 -12.94
C VAL D 133 15.15 -11.73 -14.06
N PHE D 134 16.41 -11.36 -14.20
CA PHE D 134 17.27 -11.91 -15.22
C PHE D 134 18.44 -12.57 -14.54
N PRO D 135 19.12 -13.49 -15.24
CA PRO D 135 20.27 -14.14 -14.60
C PRO D 135 21.58 -13.60 -15.09
N LEU D 136 22.62 -13.87 -14.30
CA LEU D 136 23.95 -13.49 -14.66
C LEU D 136 24.68 -14.77 -15.17
N ALA D 137 25.76 -15.22 -14.52
CA ALA D 137 26.47 -16.40 -15.02
C ALA D 137 27.71 -16.80 -14.23
N THR D 147 37.58 -18.15 -8.12
CA THR D 147 36.33 -18.85 -7.90
C THR D 147 35.22 -18.10 -8.63
N ALA D 148 34.04 -18.70 -8.79
CA ALA D 148 32.96 -18.06 -9.54
C ALA D 148 31.91 -17.18 -8.83
N ALA D 149 31.25 -16.34 -9.64
CA ALA D 149 30.22 -15.43 -9.16
C ALA D 149 28.95 -15.56 -10.02
N LEU D 150 27.79 -15.63 -9.37
CA LEU D 150 26.50 -15.77 -10.04
C LEU D 150 25.69 -14.53 -9.69
N GLY D 151 24.39 -14.58 -9.87
CA GLY D 151 23.57 -13.42 -9.55
C GLY D 151 22.33 -13.22 -10.39
N CYS D 152 21.45 -12.36 -9.92
CA CYS D 152 20.23 -12.03 -10.63
C CYS D 152 20.15 -10.52 -10.73
N LEU D 153 19.56 -10.03 -11.82
CA LEU D 153 19.39 -8.59 -11.98
C LEU D 153 17.89 -8.34 -11.84
N VAL D 154 17.48 -7.88 -10.67
CA VAL D 154 16.09 -7.57 -10.44
C VAL D 154 15.91 -6.18 -11.04
N LYS D 155 15.25 -6.13 -12.19
CA LYS D 155 15.06 -4.88 -12.94
C LYS D 155 13.63 -4.38 -13.15
N ASP D 156 13.51 -3.05 -13.21
CA ASP D 156 12.26 -2.33 -13.42
C ASP D 156 11.10 -2.69 -12.48
N TYR D 157 11.11 -2.10 -11.28
CA TYR D 157 10.03 -2.30 -10.31
C TYR D 157 9.79 -1.01 -9.53
N PHE D 158 8.62 -0.93 -8.91
CA PHE D 158 8.26 0.23 -8.11
C PHE D 158 7.11 -0.20 -7.24
N PRO D 159 7.10 0.19 -5.95
CA PRO D 159 8.16 1.01 -5.37
C PRO D 159 9.13 0.06 -4.72
N GLU D 160 9.67 0.47 -3.59
CA GLU D 160 10.59 -0.34 -2.82
C GLU D 160 9.80 -0.99 -1.70
N PRO D 161 10.30 -2.13 -1.18
CA PRO D 161 11.54 -2.71 -1.67
C PRO D 161 11.37 -4.20 -1.94
N VAL D 162 12.29 -4.77 -2.70
CA VAL D 162 12.26 -6.19 -2.98
C VAL D 162 13.19 -6.80 -1.95
N THR D 163 13.18 -8.12 -1.85
CA THR D 163 14.09 -8.79 -0.96
C THR D 163 14.67 -9.86 -1.83
N VAL D 164 15.97 -10.10 -1.73
CA VAL D 164 16.60 -11.14 -2.52
C VAL D 164 17.17 -12.19 -1.57
N SER D 165 16.85 -13.43 -1.85
CA SER D 165 17.32 -14.51 -1.03
C SER D 165 17.86 -15.55 -1.98
N TRP D 166 18.93 -16.23 -1.59
CA TRP D 166 19.43 -17.27 -2.45
C TRP D 166 19.05 -18.62 -1.89
N ASN D 167 18.51 -19.44 -2.77
CA ASN D 167 18.08 -20.79 -2.44
C ASN D 167 17.10 -20.94 -1.29
N SER D 168 16.42 -19.84 -0.98
CA SER D 168 15.38 -19.78 0.04
C SER D 168 15.92 -19.63 1.45
N GLY D 169 17.01 -18.88 1.62
CA GLY D 169 17.61 -18.67 2.92
C GLY D 169 18.81 -19.54 3.26
N ALA D 170 18.91 -20.70 2.64
CA ALA D 170 20.06 -21.58 2.90
C ALA D 170 21.41 -20.87 2.56
N LEU D 171 21.54 -20.48 1.29
CA LEU D 171 22.73 -19.79 0.80
C LEU D 171 22.81 -18.38 1.38
N THR D 172 23.82 -18.18 2.20
CA THR D 172 24.00 -16.92 2.89
C THR D 172 25.41 -16.34 2.69
N SER D 173 26.39 -17.22 2.75
CA SER D 173 27.81 -16.88 2.59
C SER D 173 28.13 -16.37 1.18
N GLY D 174 28.91 -15.30 1.12
CA GLY D 174 29.30 -14.73 -0.16
C GLY D 174 28.20 -13.94 -0.85
N VAL D 175 27.01 -14.03 -0.30
CA VAL D 175 25.85 -13.31 -0.80
C VAL D 175 26.02 -11.78 -0.69
N HIS D 176 25.85 -11.09 -1.81
CA HIS D 176 25.96 -9.63 -1.82
C HIS D 176 24.82 -8.97 -2.61
N THR D 177 23.81 -8.49 -1.88
CA THR D 177 22.66 -7.77 -2.44
C THR D 177 22.94 -6.26 -2.42
N PHE D 178 23.04 -5.67 -3.59
CA PHE D 178 23.33 -4.25 -3.72
C PHE D 178 22.17 -3.32 -3.52
N PRO D 179 22.47 -2.05 -3.17
CA PRO D 179 21.45 -1.01 -2.96
C PRO D 179 20.78 -0.74 -4.31
N ALA D 180 19.46 -0.91 -4.37
CA ALA D 180 18.76 -0.64 -5.60
C ALA D 180 19.13 0.73 -6.16
N VAL D 181 19.00 0.88 -7.46
CA VAL D 181 19.38 2.13 -8.08
C VAL D 181 18.17 2.65 -8.85
N LEU D 182 17.91 3.96 -8.76
CA LEU D 182 16.75 4.58 -9.42
C LEU D 182 17.06 5.04 -10.85
N GLN D 183 16.31 4.51 -11.82
CA GLN D 183 16.50 4.83 -13.22
C GLN D 183 15.51 5.89 -13.64
N SER D 184 15.94 6.86 -14.43
CA SER D 184 15.08 7.97 -14.87
C SER D 184 13.69 7.56 -15.32
N SER D 185 13.49 6.25 -15.50
CA SER D 185 12.20 5.69 -15.92
C SER D 185 11.34 5.72 -14.68
N GLY D 186 11.99 5.98 -13.55
CA GLY D 186 11.30 6.05 -12.27
C GLY D 186 11.30 4.69 -11.61
N LEU D 187 11.62 3.67 -12.42
CA LEU D 187 11.64 2.30 -11.96
C LEU D 187 13.01 1.89 -11.46
N TYR D 188 13.03 1.31 -10.25
CA TYR D 188 14.24 0.83 -9.58
C TYR D 188 14.80 -0.39 -10.27
N SER D 189 15.94 -0.83 -9.78
CA SER D 189 16.62 -1.97 -10.33
C SER D 189 17.85 -2.28 -9.44
N LEU D 190 18.00 -3.54 -9.07
CA LEU D 190 19.12 -3.95 -8.24
C LEU D 190 19.72 -5.26 -8.72
N SER D 191 20.84 -5.62 -8.11
CA SER D 191 21.52 -6.83 -8.45
C SER D 191 22.06 -7.56 -7.22
N SER D 192 21.62 -8.80 -7.05
CA SER D 192 22.13 -9.59 -5.96
C SER D 192 23.06 -10.58 -6.65
N VAL D 193 24.21 -10.84 -6.04
CA VAL D 193 25.16 -11.77 -6.62
C VAL D 193 25.58 -12.70 -5.52
N VAL D 194 26.55 -13.54 -5.82
CA VAL D 194 27.04 -14.50 -4.83
C VAL D 194 28.29 -15.09 -5.43
N THR D 195 29.28 -15.36 -4.59
CA THR D 195 30.51 -15.95 -5.09
C THR D 195 30.49 -17.38 -4.58
N VAL D 196 30.49 -18.33 -5.51
CA VAL D 196 30.46 -19.74 -5.16
C VAL D 196 31.74 -20.37 -5.64
N PRO D 197 32.25 -21.35 -4.87
CA PRO D 197 33.49 -22.01 -5.25
C PRO D 197 33.45 -22.88 -6.50
N SER D 198 34.49 -22.75 -7.32
CA SER D 198 34.71 -23.54 -8.52
C SER D 198 33.60 -24.52 -8.85
N SER D 199 33.95 -25.80 -8.78
CA SER D 199 33.00 -26.86 -9.10
C SER D 199 32.02 -26.49 -10.21
N THR D 205 22.93 -25.96 -7.46
CA THR D 205 21.72 -25.24 -7.88
C THR D 205 21.64 -23.90 -7.14
N TYR D 206 21.76 -22.82 -7.90
CA TYR D 206 21.67 -21.51 -7.28
C TYR D 206 20.42 -20.81 -7.76
N ILE D 207 19.59 -20.39 -6.80
CA ILE D 207 18.30 -19.76 -7.10
C ILE D 207 18.06 -18.45 -6.36
N CYS D 208 17.52 -17.46 -7.08
CA CYS D 208 17.22 -16.15 -6.49
C CYS D 208 15.72 -16.06 -6.22
N ASN D 209 15.34 -15.96 -4.96
CA ASN D 209 13.92 -15.83 -4.64
C ASN D 209 13.61 -14.35 -4.40
N VAL D 210 13.35 -13.66 -5.50
CA VAL D 210 13.03 -12.24 -5.51
C VAL D 210 11.57 -12.06 -5.11
N ASN D 211 11.34 -11.25 -4.09
CA ASN D 211 9.98 -10.98 -3.63
C ASN D 211 9.68 -9.48 -3.56
N HIS D 212 8.80 -9.01 -4.45
CA HIS D 212 8.38 -7.61 -4.46
C HIS D 212 7.05 -7.52 -3.76
N LYS D 213 7.08 -7.49 -2.44
CA LYS D 213 5.88 -7.43 -1.60
C LYS D 213 4.85 -6.39 -2.05
N PRO D 214 5.30 -5.17 -2.36
CA PRO D 214 4.43 -4.08 -2.80
C PRO D 214 3.55 -4.30 -4.04
N SER D 215 3.77 -5.37 -4.79
CA SER D 215 2.96 -5.59 -5.98
C SER D 215 2.50 -7.00 -6.17
N ASN D 216 2.56 -7.79 -5.12
CA ASN D 216 2.17 -9.19 -5.14
C ASN D 216 2.92 -9.83 -6.27
N THR D 217 4.23 -9.71 -6.22
CA THR D 217 5.09 -10.32 -7.22
C THR D 217 6.19 -11.13 -6.57
N LYS D 218 6.05 -12.45 -6.65
CA LYS D 218 7.04 -13.37 -6.09
C LYS D 218 7.60 -14.11 -7.30
N VAL D 219 8.92 -14.23 -7.38
CA VAL D 219 9.56 -14.90 -8.52
C VAL D 219 10.81 -15.60 -8.03
N ASP D 220 11.05 -16.80 -8.54
CA ASP D 220 12.21 -17.62 -8.20
C ASP D 220 12.86 -18.01 -9.53
N LYS D 221 14.14 -17.73 -9.67
CA LYS D 221 14.88 -18.00 -10.91
C LYS D 221 16.09 -18.88 -10.61
N LYS D 222 16.22 -20.02 -11.27
CA LYS D 222 17.37 -20.88 -11.02
C LYS D 222 18.64 -20.09 -11.37
N VAL D 223 19.19 -20.33 -12.55
CA VAL D 223 20.39 -19.64 -13.02
C VAL D 223 21.69 -20.40 -12.79
N GLU D 224 22.13 -21.06 -13.86
CA GLU D 224 23.38 -21.83 -13.91
C GLU D 224 24.17 -21.29 -15.10
#